data_6SAV
#
_entry.id   6SAV
#
_cell.length_a   51.217
_cell.length_b   62.600
_cell.length_c   66.807
_cell.angle_alpha   77.030
_cell.angle_beta   81.040
_cell.angle_gamma   89.620
#
_symmetry.space_group_name_H-M   'P 1'
#
loop_
_entity.id
_entity.type
_entity.pdbx_description
1 polymer Alpha-amylase
2 polymer Alpha-amylase
3 non-polymer 'CALCIUM ION'
4 non-polymer 2-acetamido-2-deoxy-beta-D-glucopyranose
5 non-polymer GLYCEROL
6 non-polymer 'SULFATE ION'
7 water water
#
loop_
_entity_poly.entity_id
_entity_poly.type
_entity_poly.pdbx_seq_one_letter_code
_entity_poly.pdbx_strand_id
1 'polypeptide(L)'
;ATSDDWKSKAIYQLLTDRFGRADDSTSNCSNLSNYCGGTYEGITKHLDYISGMGFDAIWISPIPKNSDGGYHGYWATDFY
QLNSNFGDESQLKALIQAAHERDMYVMLDVVANHAGPTSNGYSGYTFGDASLYHPKCTIDYNDQTSIEQCWVADELPDID
TENSDNVAILNDIVSGWVGNYSFDGIRIDTVKHIRKDFWTGYAEAAGVFATGEVFNGDPAYVGPYQKYLPSLINYPMYYA
LNDVFVSKSKGFSRISEMLGSNRNAFEDTSVLTTFVDNHDNPRFLNSQSDKALFKNALTYVLLGEGIPIVYYGSEQGFSG
GADPANREVLWTTNYDTSSDLYQFIKTVNSVRMKSNKAVYMDIYVGDNAYAFKHGDALVVLNNYGSGSTNQVSFSVSGKF
DSGASLMDIVSNITTTVSSDGTVTFNLKDGLPAIFTSA
;
A
2 'polypeptide(L)'
;ATSDDWKSKAIYQLLTDRFGRADDSTSNCSNLSNYCGGTYEGITKHLDYISGMGFDAIWISPIPKNSDGGYHGYWATDFY
QLNSNFGDESQLKALIQAAHERDMYVMLDVVANHAGPTS(IAS)GYSGYTFGDASLYHPKCTIDYNDQTSIEQCWVADEL
PDIDTENSDNVAILNDIVSGWVGNYSFDGIRIDTVKHIRKDFWTGYAEAAGVFATGEVFNGDPAYVGPYQKYLPSLINYP
MYYALNDVFVSKSKGFSRISEMLGSNRNAFEDTSVLTTFVDNHDNPRFLNSQSDKALFKNALTYVLLGEGIPIVYYGSEQ
GFSGGADPANREVLWTTNYDTSSDLYQFIKTVNSVRMKSNKAVYMDIYVGDNAYAFKHGDALVVLNNYGSGSTNQVSFSV
SGKFDSGASLMDIVSNITTTVSSDGTVTFNLKDGLPAIFTSA
;
B
#
loop_
_chem_comp.id
_chem_comp.type
_chem_comp.name
_chem_comp.formula
CA non-polymer 'CALCIUM ION' 'Ca 2'
GOL non-polymer GLYCEROL 'C3 H8 O3'
IAS L-beta-peptide, C-gamma linking 'BETA-L-ASPARTIC ACID' 'C4 H7 N O4'
NAG D-saccharide, beta linking 2-acetamido-2-deoxy-beta-D-glucopyranose 'C8 H15 N O6'
SO4 non-polymer 'SULFATE ION' 'O4 S -2'
#
# COMPACT_ATOMS: atom_id res chain seq x y z
N ALA A 1 21.15 20.66 7.25
CA ALA A 1 22.56 20.27 7.12
C ALA A 1 22.72 19.24 6.00
N THR A 2 23.88 19.22 5.35
CA THR A 2 24.18 18.42 4.16
C THR A 2 24.58 17.00 4.52
N SER A 3 24.64 16.09 3.55
CA SER A 3 25.23 14.73 3.73
C SER A 3 26.61 14.89 4.33
N ASP A 4 27.47 15.74 3.77
CA ASP A 4 28.84 15.82 4.32
C ASP A 4 28.82 16.27 5.79
N ASP A 5 27.93 17.17 6.17
CA ASP A 5 27.79 17.68 7.54
C ASP A 5 27.43 16.50 8.46
N TRP A 6 26.57 15.60 8.01
CA TRP A 6 26.06 14.49 8.86
C TRP A 6 27.06 13.34 8.96
N LYS A 7 28.03 13.23 8.08
CA LYS A 7 28.92 12.06 8.02
C LYS A 7 29.62 11.81 9.33
N SER A 8 29.85 12.85 10.15
CA SER A 8 30.61 12.74 11.41
C SER A 8 29.72 12.59 12.64
N LYS A 9 28.41 12.54 12.49
CA LYS A 9 27.47 12.57 13.63
C LYS A 9 27.11 11.17 14.11
N ALA A 10 26.64 11.08 15.32
CA ALA A 10 26.08 9.83 15.89
C ALA A 10 24.71 10.18 16.47
N ILE A 11 23.71 9.46 16.09
CA ILE A 11 22.29 9.81 16.38
C ILE A 11 21.76 8.97 17.54
N TYR A 12 21.09 9.64 18.46
CA TYR A 12 20.30 8.99 19.51
C TYR A 12 18.85 9.04 19.06
N GLN A 13 18.28 7.86 18.78
CA GLN A 13 16.89 7.74 18.35
C GLN A 13 16.01 7.65 19.58
N LEU A 14 15.07 8.56 19.71
CA LEU A 14 14.14 8.52 20.85
C LEU A 14 12.70 8.54 20.37
N LEU A 15 11.78 7.98 21.15
CA LEU A 15 10.31 8.19 20.94
C LEU A 15 9.92 9.35 21.86
N THR A 16 9.32 10.36 21.27
CA THR A 16 8.96 11.55 22.07
C THR A 16 8.04 11.15 23.22
N ASP A 17 7.10 10.22 22.98
CA ASP A 17 6.12 9.87 24.04
C ASP A 17 6.82 9.14 25.19
N ARG A 18 7.99 8.56 24.97
CA ARG A 18 8.63 7.63 25.91
C ARG A 18 9.94 8.16 26.50
N PHE A 19 10.42 9.33 26.16
CA PHE A 19 11.77 9.72 26.59
C PHE A 19 11.71 10.45 27.94
N GLY A 20 10.88 11.48 28.02
CA GLY A 20 10.93 12.32 29.24
C GLY A 20 9.75 13.25 29.35
N ARG A 21 9.48 13.66 30.58
CA ARG A 21 8.36 14.57 30.94
C ARG A 21 8.96 15.70 31.79
N ALA A 22 8.22 16.79 31.95
CA ALA A 22 8.65 17.90 32.84
C ALA A 22 8.74 17.36 34.26
N ASP A 23 7.82 16.50 34.69
CA ASP A 23 7.82 16.00 36.09
C ASP A 23 8.94 14.97 36.30
N ASP A 24 9.29 14.70 37.55
CA ASP A 24 10.48 13.90 37.93
C ASP A 24 10.03 12.46 38.19
N SER A 25 8.81 12.09 37.87
CA SER A 25 8.25 10.76 38.20
C SER A 25 9.10 9.64 37.59
N THR A 26 9.37 8.59 38.35
CA THR A 26 10.02 7.36 37.86
C THR A 26 8.97 6.26 37.71
N SER A 27 7.67 6.58 37.79
N SER A 27 7.68 6.61 37.77
CA SER A 27 6.61 5.56 37.68
CA SER A 27 6.59 5.61 37.66
C SER A 27 6.53 4.97 36.27
C SER A 27 6.58 4.97 36.26
N ASN A 28 6.32 3.68 36.19
CA ASN A 28 6.09 2.97 34.91
C ASN A 28 4.79 3.47 34.30
N CYS A 29 4.62 3.20 33.02
N CYS A 29 4.63 3.19 33.01
CA CYS A 29 3.40 3.47 32.26
CA CYS A 29 3.42 3.45 32.20
C CYS A 29 2.61 2.17 32.20
C CYS A 29 2.60 2.17 32.13
N SER A 30 1.30 2.21 32.47
CA SER A 30 0.51 0.98 32.60
C SER A 30 0.02 0.43 31.25
N ASN A 31 0.25 1.13 30.14
CA ASN A 31 -0.17 0.67 28.79
C ASN A 31 0.78 1.24 27.74
N LEU A 32 1.70 0.40 27.27
CA LEU A 32 2.67 0.82 26.28
C LEU A 32 2.03 0.94 24.90
N SER A 33 0.75 0.62 24.71
CA SER A 33 0.06 0.79 23.40
C SER A 33 -0.63 2.14 23.33
N ASN A 34 -0.58 2.96 24.35
CA ASN A 34 -1.23 4.30 24.29
C ASN A 34 -0.26 5.34 24.85
N TYR A 35 -0.63 6.59 24.79
CA TYR A 35 0.23 7.67 25.26
C TYR A 35 0.68 7.42 26.70
N CYS A 36 1.95 7.58 26.96
CA CYS A 36 2.55 7.50 28.30
C CYS A 36 2.88 8.90 28.80
N GLY A 37 2.94 9.92 27.95
CA GLY A 37 3.04 11.32 28.43
C GLY A 37 4.36 12.04 28.17
N GLY A 38 5.23 11.47 27.34
CA GLY A 38 6.48 12.14 26.99
C GLY A 38 6.26 13.40 26.17
N THR A 39 7.13 14.39 26.35
CA THR A 39 6.99 15.73 25.74
C THR A 39 8.30 16.30 25.25
N TYR A 40 8.19 17.30 24.37
CA TYR A 40 9.37 18.07 23.96
C TYR A 40 10.10 18.63 25.19
N GLU A 41 9.35 19.19 26.14
N GLU A 41 9.37 19.20 26.15
CA GLU A 41 9.97 19.79 27.34
CA GLU A 41 10.06 19.79 27.31
C GLU A 41 10.77 18.70 28.07
C GLU A 41 10.81 18.69 28.07
N GLY A 42 10.28 17.45 28.06
CA GLY A 42 10.99 16.31 28.69
C GLY A 42 12.31 16.02 27.99
N ILE A 43 12.34 16.17 26.68
CA ILE A 43 13.64 16.01 25.97
C ILE A 43 14.57 17.17 26.33
N THR A 44 14.07 18.41 26.28
CA THR A 44 14.94 19.58 26.60
C THR A 44 15.56 19.41 27.98
N LYS A 45 14.75 19.02 28.95
CA LYS A 45 15.18 18.90 30.37
C LYS A 45 16.37 17.94 30.47
N HIS A 46 16.43 16.94 29.59
CA HIS A 46 17.42 15.85 29.71
C HIS A 46 18.37 15.86 28.52
N LEU A 47 18.59 16.97 27.83
CA LEU A 47 19.55 16.99 26.71
C LEU A 47 20.94 16.64 27.24
N ASP A 48 21.30 17.09 28.41
CA ASP A 48 22.67 16.84 28.93
C ASP A 48 22.93 15.33 29.14
N TYR A 49 21.88 14.58 29.43
CA TYR A 49 21.95 13.11 29.56
C TYR A 49 22.36 12.54 28.21
N ILE A 50 21.74 13.03 27.16
CA ILE A 50 22.02 12.51 25.79
C ILE A 50 23.41 12.93 25.34
N SER A 51 23.76 14.21 25.46
N SER A 51 23.74 14.22 25.46
CA SER A 51 25.07 14.69 24.99
CA SER A 51 25.04 14.76 25.04
C SER A 51 26.19 14.13 25.87
C SER A 51 26.17 14.14 25.87
N GLY A 52 25.86 13.80 27.12
CA GLY A 52 26.82 13.23 28.09
C GLY A 52 27.31 11.89 27.66
N MET A 53 26.51 11.19 26.88
CA MET A 53 26.92 9.88 26.32
C MET A 53 27.72 10.04 25.04
N GLY A 54 27.84 11.25 24.50
CA GLY A 54 28.66 11.52 23.31
C GLY A 54 27.87 11.46 22.00
N PHE A 55 26.56 11.58 22.07
CA PHE A 55 25.72 11.78 20.87
C PHE A 55 25.60 13.27 20.53
N ASP A 56 25.63 13.57 19.26
CA ASP A 56 25.55 14.95 18.80
C ASP A 56 24.42 15.14 17.83
N ALA A 57 23.43 14.24 17.86
CA ALA A 57 22.21 14.40 17.07
C ALA A 57 21.13 13.57 17.73
N ILE A 58 19.88 13.99 17.59
CA ILE A 58 18.72 13.24 18.06
C ILE A 58 17.77 13.09 16.88
N TRP A 59 17.07 11.96 16.85
CA TRP A 59 15.97 11.67 15.89
C TRP A 59 14.73 11.53 16.74
N ILE A 60 13.77 12.38 16.51
CA ILE A 60 12.51 12.43 17.29
C ILE A 60 11.35 11.96 16.45
N SER A 61 10.26 11.61 17.14
CA SER A 61 9.01 11.12 16.53
C SER A 61 8.43 12.12 15.56
N PRO A 62 7.66 11.62 14.58
CA PRO A 62 6.87 12.54 13.77
C PRO A 62 6.02 13.46 14.65
N ILE A 63 5.81 14.69 14.14
CA ILE A 63 5.19 15.77 14.93
C ILE A 63 3.73 16.01 14.65
N PRO A 64 3.05 15.55 13.60
CA PRO A 64 1.69 16.05 13.33
C PRO A 64 0.63 15.43 14.21
N LYS A 65 -0.52 16.09 14.29
CA LYS A 65 -1.72 15.48 14.89
C LYS A 65 -1.96 14.07 14.35
N ASN A 66 -2.24 13.14 15.28
CA ASN A 66 -2.44 11.75 14.91
C ASN A 66 -3.83 11.29 15.30
N SER A 67 -4.24 10.17 14.75
CA SER A 67 -5.47 9.47 15.10
C SER A 67 -5.29 8.89 16.51
N ASP A 68 -6.37 8.36 17.00
CA ASP A 68 -6.42 7.81 18.36
C ASP A 68 -5.31 6.79 18.57
N GLY A 69 -4.63 6.92 19.68
CA GLY A 69 -3.57 5.97 20.03
C GLY A 69 -2.26 6.14 19.26
N GLY A 70 -2.12 7.17 18.45
CA GLY A 70 -0.89 7.37 17.64
C GLY A 70 0.26 8.00 18.41
N TYR A 71 0.63 7.39 19.54
CA TYR A 71 1.66 7.94 20.43
C TYR A 71 3.03 8.00 19.75
N HIS A 72 3.22 7.14 18.72
CA HIS A 72 4.46 7.05 17.93
C HIS A 72 4.48 8.10 16.81
N GLY A 73 3.39 8.77 16.49
CA GLY A 73 3.36 9.83 15.50
C GLY A 73 3.14 9.34 14.08
N TYR A 74 3.07 8.05 13.80
CA TYR A 74 3.05 7.51 12.43
C TYR A 74 1.68 7.51 11.78
N TRP A 75 0.67 7.96 12.49
CA TRP A 75 -0.75 7.89 12.09
C TRP A 75 -1.36 9.30 11.92
N ALA A 76 -0.76 10.12 11.08
CA ALA A 76 -1.17 11.53 10.89
C ALA A 76 -2.62 11.66 10.37
N THR A 77 -3.25 12.69 10.90
CA THR A 77 -4.58 13.09 10.37
C THR A 77 -4.39 14.45 9.71
N ASP A 78 -4.32 15.52 10.52
CA ASP A 78 -4.05 16.89 10.03
C ASP A 78 -2.56 17.14 10.11
N PHE A 79 -1.86 17.01 8.97
CA PHE A 79 -0.42 17.14 8.87
C PHE A 79 0.06 18.55 9.22
N TYR A 80 -0.86 19.54 9.17
CA TYR A 80 -0.44 20.94 9.41
C TYR A 80 -0.65 21.36 10.87
N GLN A 81 -1.15 20.47 11.73
N GLN A 81 -1.17 20.47 11.73
CA GLN A 81 -1.31 20.77 13.17
CA GLN A 81 -1.37 20.71 13.18
C GLN A 81 -0.36 19.88 13.95
C GLN A 81 -0.29 19.90 13.90
N LEU A 82 0.21 20.44 14.99
CA LEU A 82 1.07 19.63 15.89
C LEU A 82 0.24 18.65 16.69
N ASN A 83 0.91 17.57 17.10
CA ASN A 83 0.38 16.59 18.05
C ASN A 83 0.49 17.24 19.46
N SER A 84 -0.65 17.62 20.02
CA SER A 84 -0.68 18.40 21.27
C SER A 84 -0.19 17.56 22.45
N ASN A 85 -0.13 16.26 22.31
CA ASN A 85 0.42 15.39 23.37
C ASN A 85 1.86 15.79 23.64
N PHE A 86 2.62 16.10 22.62
CA PHE A 86 4.09 16.34 22.76
C PHE A 86 4.41 17.78 23.22
N GLY A 87 3.51 18.73 22.92
CA GLY A 87 3.74 20.15 23.20
C GLY A 87 3.35 21.02 22.01
N ASP A 88 3.51 22.31 22.21
CA ASP A 88 3.12 23.32 21.23
C ASP A 88 4.35 23.79 20.46
N GLU A 89 4.13 24.71 19.53
CA GLU A 89 5.15 25.33 18.69
C GLU A 89 6.28 25.88 19.56
N SER A 90 5.96 26.66 20.59
N SER A 90 5.99 26.68 20.60
CA SER A 90 6.99 27.27 21.44
CA SER A 90 7.05 27.28 21.44
C SER A 90 7.89 26.21 22.07
C SER A 90 7.91 26.19 22.09
N GLN A 91 7.29 25.10 22.51
CA GLN A 91 8.03 24.02 23.22
C GLN A 91 8.93 23.27 22.20
N LEU A 92 8.40 23.02 21.01
CA LEU A 92 9.26 22.39 19.96
C LEU A 92 10.41 23.31 19.58
N LYS A 93 10.15 24.62 19.37
CA LYS A 93 11.24 25.52 19.05
C LYS A 93 12.27 25.61 20.20
N ALA A 94 11.80 25.57 21.45
CA ALA A 94 12.71 25.65 22.63
C ALA A 94 13.61 24.41 22.70
N LEU A 95 13.05 23.26 22.31
CA LEU A 95 13.89 22.04 22.22
C LEU A 95 14.95 22.20 21.16
N ILE A 96 14.57 22.65 19.96
CA ILE A 96 15.53 22.75 18.84
C ILE A 96 16.60 23.81 19.16
N GLN A 97 16.17 24.90 19.80
N GLN A 97 16.12 24.90 19.79
CA GLN A 97 17.15 25.96 20.19
CA GLN A 97 16.97 26.02 20.28
C GLN A 97 18.11 25.39 21.24
C GLN A 97 18.02 25.47 21.25
N ALA A 98 17.58 24.65 22.22
CA ALA A 98 18.46 24.06 23.23
C ALA A 98 19.45 23.08 22.60
N ALA A 99 18.99 22.25 21.65
CA ALA A 99 19.88 21.33 20.93
C ALA A 99 20.95 22.09 20.15
N HIS A 100 20.53 23.10 19.39
CA HIS A 100 21.46 23.89 18.57
C HIS A 100 22.47 24.61 19.48
N GLU A 101 22.05 25.08 20.66
CA GLU A 101 22.99 25.79 21.57
C GLU A 101 24.10 24.84 22.01
N ARG A 102 23.80 23.54 22.07
CA ARG A 102 24.74 22.45 22.42
C ARG A 102 25.42 21.86 21.16
N ASP A 103 25.28 22.49 19.99
CA ASP A 103 25.86 22.05 18.71
C ASP A 103 25.37 20.64 18.38
N MET A 104 24.11 20.37 18.71
CA MET A 104 23.48 19.06 18.41
C MET A 104 22.51 19.26 17.24
N TYR A 105 22.44 18.27 16.37
CA TYR A 105 21.45 18.26 15.29
C TYR A 105 20.17 17.63 15.75
N VAL A 106 19.10 18.03 15.12
CA VAL A 106 17.75 17.46 15.33
C VAL A 106 17.20 16.95 14.01
N MET A 107 16.89 15.66 13.98
CA MET A 107 16.38 14.95 12.79
C MET A 107 14.91 14.64 13.04
N LEU A 108 14.05 15.05 12.12
CA LEU A 108 12.60 14.84 12.18
C LEU A 108 12.23 13.59 11.36
N ASP A 109 11.47 12.71 11.99
CA ASP A 109 10.84 11.58 11.30
C ASP A 109 9.63 12.11 10.54
N VAL A 110 9.51 11.71 9.30
CA VAL A 110 8.46 12.19 8.39
C VAL A 110 7.80 11.04 7.66
N VAL A 111 6.48 11.13 7.53
CA VAL A 111 5.65 10.15 6.78
C VAL A 111 5.02 10.88 5.61
N ALA A 112 5.13 10.30 4.41
CA ALA A 112 4.37 10.74 3.23
C ALA A 112 3.39 9.68 2.74
N ASN A 113 3.54 8.44 3.19
CA ASN A 113 2.85 7.30 2.56
C ASN A 113 1.39 7.20 3.00
N HIS A 114 1.08 7.53 4.24
CA HIS A 114 -0.22 7.12 4.82
C HIS A 114 -0.61 8.11 5.91
N ALA A 115 -1.92 8.01 6.21
CA ALA A 115 -2.55 8.69 7.36
C ALA A 115 -2.91 7.64 8.41
N GLY A 116 -3.53 8.10 9.49
CA GLY A 116 -3.95 7.19 10.56
C GLY A 116 -5.28 6.54 10.27
N PRO A 117 -5.56 5.38 10.86
CA PRO A 117 -6.84 4.74 10.60
C PRO A 117 -8.00 5.58 11.08
N THR A 118 -9.07 5.23 10.33
N THR A 118 -9.11 5.71 10.34
CA THR A 118 -10.44 5.76 10.44
CA THR A 118 -10.28 6.39 10.95
C THR A 118 -11.20 4.89 11.43
C THR A 118 -10.95 5.36 11.88
N SER A 119 -12.24 5.50 11.98
CA SER A 119 -13.25 4.73 12.74
C SER A 119 -14.60 5.10 12.07
N ASN A 120 -14.68 6.29 11.44
CA ASN A 120 -15.77 6.83 10.55
C ASN A 120 -15.14 7.20 9.19
N GLY A 121 -15.15 8.49 8.81
N GLY A 121 -15.09 8.49 8.86
CA GLY A 121 -14.48 9.02 7.60
CA GLY A 121 -14.38 9.02 7.68
C GLY A 121 -13.28 9.89 7.94
C GLY A 121 -13.30 10.04 8.03
N TYR A 122 -12.95 10.82 7.03
CA TYR A 122 -11.70 11.58 6.96
C TYR A 122 -11.91 13.06 7.28
N SER A 123 -13.04 13.39 7.92
CA SER A 123 -13.22 14.73 8.48
C SER A 123 -12.07 15.00 9.45
N GLY A 124 -11.47 16.15 9.28
CA GLY A 124 -10.33 16.55 10.11
C GLY A 124 -9.00 16.19 9.45
N TYR A 125 -9.00 15.36 8.43
CA TYR A 125 -7.69 14.95 7.85
C TYR A 125 -7.30 15.94 6.75
N THR A 126 -6.01 16.12 6.55
CA THR A 126 -5.46 16.93 5.46
C THR A 126 -5.96 16.37 4.14
N PHE A 127 -5.92 15.06 3.97
CA PHE A 127 -6.48 14.38 2.80
C PHE A 127 -7.84 13.92 3.27
N GLY A 128 -8.84 14.77 2.95
CA GLY A 128 -10.09 14.80 3.70
C GLY A 128 -11.24 14.05 3.08
N ASP A 129 -10.97 13.15 2.16
CA ASP A 129 -12.00 12.22 1.66
C ASP A 129 -11.39 11.01 1.00
N ALA A 130 -12.17 9.97 0.90
CA ALA A 130 -11.69 8.66 0.43
C ALA A 130 -11.01 8.69 -0.95
N SER A 131 -11.46 9.60 -1.82
CA SER A 131 -10.94 9.67 -3.20
C SER A 131 -9.46 10.09 -3.25
N LEU A 132 -8.92 10.57 -2.12
CA LEU A 132 -7.53 11.05 -2.05
C LEU A 132 -6.61 9.94 -1.59
N TYR A 133 -7.14 8.74 -1.36
CA TYR A 133 -6.37 7.54 -0.98
C TYR A 133 -6.56 6.44 -2.00
N HIS A 134 -5.56 5.61 -2.17
CA HIS A 134 -5.65 4.40 -2.99
C HIS A 134 -6.75 3.51 -2.39
N PRO A 135 -7.42 2.70 -3.26
CA PRO A 135 -8.38 1.74 -2.74
C PRO A 135 -7.68 0.82 -1.75
N LYS A 136 -8.43 0.40 -0.74
CA LYS A 136 -7.92 -0.54 0.27
C LYS A 136 -7.62 -1.88 -0.40
N CYS A 137 -6.43 -2.39 -0.07
CA CYS A 137 -6.03 -3.76 -0.45
C CYS A 137 -4.92 -4.18 0.50
N THR A 138 -4.65 -5.50 0.56
CA THR A 138 -3.55 -6.06 1.35
C THR A 138 -2.32 -6.18 0.46
N ILE A 139 -1.16 -5.98 1.07
CA ILE A 139 0.11 -5.99 0.34
C ILE A 139 0.52 -7.41 0.11
N ASP A 140 0.84 -7.73 -1.14
CA ASP A 140 1.61 -8.90 -1.59
C ASP A 140 3.06 -8.46 -1.61
N TYR A 141 3.85 -8.94 -0.67
N TYR A 141 3.90 -8.96 -0.72
CA TYR A 141 5.25 -8.47 -0.47
CA TYR A 141 5.32 -8.52 -0.55
C TYR A 141 6.19 -9.08 -1.51
C TYR A 141 6.24 -9.01 -1.66
N ASN A 142 5.70 -9.82 -2.54
CA ASN A 142 6.49 -10.22 -3.73
C ASN A 142 6.22 -9.25 -4.87
N ASP A 143 5.33 -8.27 -4.73
CA ASP A 143 4.84 -7.44 -5.86
C ASP A 143 5.09 -5.98 -5.50
N GLN A 144 6.06 -5.32 -6.16
CA GLN A 144 6.41 -3.94 -5.78
C GLN A 144 5.22 -3.01 -6.02
N THR A 145 4.41 -3.27 -7.03
CA THR A 145 3.23 -2.43 -7.25
C THR A 145 2.30 -2.53 -6.03
N SER A 146 2.10 -3.76 -5.48
CA SER A 146 1.28 -3.98 -4.30
C SER A 146 1.86 -3.26 -3.09
N ILE A 147 3.16 -3.37 -2.92
CA ILE A 147 3.85 -2.72 -1.80
C ILE A 147 3.59 -1.23 -1.85
N GLU A 148 3.53 -0.64 -3.06
CA GLU A 148 3.32 0.81 -3.18
C GLU A 148 1.84 1.25 -3.18
N GLN A 149 0.96 0.40 -3.66
CA GLN A 149 -0.45 0.83 -3.89
C GLN A 149 -1.38 0.40 -2.76
N CYS A 150 -0.99 -0.66 -2.03
CA CYS A 150 -1.89 -1.23 -1.00
C CYS A 150 -1.54 -0.69 0.40
N TRP A 151 -2.35 -1.08 1.39
CA TRP A 151 -2.35 -0.38 2.70
C TRP A 151 -1.40 -1.04 3.68
N VAL A 152 -0.51 -0.26 4.26
CA VAL A 152 0.42 -0.79 5.29
C VAL A 152 -0.42 -1.35 6.43
N ALA A 153 0.03 -2.49 6.94
CA ALA A 153 -0.63 -3.17 8.07
C ALA A 153 -2.12 -3.43 7.77
N ASP A 154 -2.56 -3.39 6.51
N ASP A 154 -2.52 -3.44 6.50
CA ASP A 154 -3.96 -3.63 6.08
CA ASP A 154 -3.92 -3.50 6.01
C ASP A 154 -4.89 -2.52 6.55
C ASP A 154 -4.79 -2.59 6.88
N GLU A 155 -4.37 -1.46 7.19
N GLU A 155 -4.28 -1.43 7.30
CA GLU A 155 -5.19 -0.52 8.01
CA GLU A 155 -5.12 -0.53 8.11
C GLU A 155 -4.78 0.95 7.86
C GLU A 155 -4.84 0.94 7.77
N LEU A 156 -3.63 1.28 7.31
CA LEU A 156 -3.18 2.70 7.23
C LEU A 156 -3.58 3.29 5.88
N PRO A 157 -4.55 4.20 5.82
CA PRO A 157 -5.02 4.76 4.54
C PRO A 157 -3.83 5.26 3.71
N ASP A 158 -3.72 4.66 2.56
CA ASP A 158 -2.55 4.83 1.65
C ASP A 158 -2.81 6.06 0.79
N ILE A 159 -2.10 7.18 1.07
CA ILE A 159 -2.35 8.44 0.33
C ILE A 159 -2.10 8.16 -1.15
N ASP A 160 -2.94 8.72 -2.00
CA ASP A 160 -2.70 8.59 -3.45
C ASP A 160 -1.60 9.55 -3.89
N THR A 161 -0.38 9.03 -3.87
CA THR A 161 0.84 9.74 -4.28
C THR A 161 0.96 9.88 -5.80
N GLU A 162 -0.01 9.40 -6.57
CA GLU A 162 -0.04 9.62 -8.03
C GLU A 162 -1.06 10.70 -8.38
N ASN A 163 -1.68 11.33 -7.38
CA ASN A 163 -2.54 12.53 -7.54
C ASN A 163 -1.61 13.72 -7.37
N SER A 164 -1.42 14.54 -8.42
CA SER A 164 -0.46 15.64 -8.38
C SER A 164 -0.82 16.71 -7.34
N ASP A 165 -2.09 16.93 -7.05
CA ASP A 165 -2.44 17.86 -5.97
C ASP A 165 -1.86 17.29 -4.66
N ASN A 166 -2.02 15.98 -4.44
CA ASN A 166 -1.54 15.36 -3.18
C ASN A 166 -0.01 15.47 -3.11
N VAL A 167 0.68 15.25 -4.23
CA VAL A 167 2.15 15.38 -4.25
C VAL A 167 2.53 16.77 -3.84
N ALA A 168 1.88 17.80 -4.40
CA ALA A 168 2.26 19.19 -4.08
C ALA A 168 2.03 19.44 -2.59
N ILE A 169 0.97 18.88 -2.03
CA ILE A 169 0.67 19.09 -0.59
C ILE A 169 1.76 18.38 0.26
N LEU A 170 2.11 17.15 -0.09
CA LEU A 170 3.13 16.41 0.67
C LEU A 170 4.45 17.16 0.63
N ASN A 171 4.85 17.67 -0.52
CA ASN A 171 6.10 18.44 -0.62
C ASN A 171 5.98 19.70 0.24
N ASP A 172 4.81 20.37 0.23
CA ASP A 172 4.62 21.59 1.05
C ASP A 172 4.77 21.27 2.55
N ILE A 173 4.25 20.12 2.95
CA ILE A 173 4.26 19.73 4.39
C ILE A 173 5.71 19.57 4.82
N VAL A 174 6.52 18.82 4.09
CA VAL A 174 7.89 18.56 4.59
C VAL A 174 8.73 19.83 4.46
N SER A 175 8.55 20.64 3.42
CA SER A 175 9.27 21.94 3.29
C SER A 175 8.93 22.78 4.51
N GLY A 176 7.67 22.82 4.89
CA GLY A 176 7.27 23.65 6.02
C GLY A 176 7.79 23.14 7.32
N TRP A 177 7.72 21.84 7.56
CA TRP A 177 8.23 21.33 8.84
C TRP A 177 9.69 21.68 8.95
N VAL A 178 10.49 21.42 7.93
CA VAL A 178 11.96 21.66 8.04
C VAL A 178 12.22 23.16 8.17
N GLY A 179 11.60 23.96 7.33
CA GLY A 179 11.85 25.41 7.30
C GLY A 179 11.32 26.09 8.54
N ASN A 180 10.12 25.74 8.98
CA ASN A 180 9.46 26.46 10.09
C ASN A 180 10.21 26.18 11.39
N TYR A 181 10.82 25.00 11.50
CA TYR A 181 11.48 24.59 12.77
C TYR A 181 13.01 24.50 12.71
N SER A 182 13.64 24.70 11.57
N SER A 182 13.62 24.62 11.55
CA SER A 182 15.09 24.56 11.37
CA SER A 182 15.07 24.59 11.36
C SER A 182 15.52 23.19 11.86
C SER A 182 15.63 23.19 11.66
N PHE A 183 14.88 22.11 11.35
CA PHE A 183 15.45 20.77 11.54
C PHE A 183 16.66 20.62 10.64
N ASP A 184 17.62 19.82 11.08
CA ASP A 184 18.92 19.64 10.39
C ASP A 184 18.90 18.46 9.39
N GLY A 185 17.93 17.58 9.57
CA GLY A 185 17.80 16.37 8.72
C GLY A 185 16.46 15.75 8.93
N ILE A 186 16.15 14.79 8.08
CA ILE A 186 14.91 14.00 8.21
C ILE A 186 15.25 12.51 8.12
N ARG A 187 14.38 11.76 8.80
CA ARG A 187 14.34 10.28 8.67
C ARG A 187 13.05 10.00 7.96
N ILE A 188 13.08 9.38 6.79
CA ILE A 188 11.84 9.25 5.99
C ILE A 188 11.29 7.86 6.23
N ASP A 189 10.09 7.81 6.75
CA ASP A 189 9.34 6.57 7.00
C ASP A 189 8.91 5.87 5.68
N THR A 190 8.70 4.55 5.71
CA THR A 190 7.95 3.77 4.71
C THR A 190 8.37 4.09 3.29
N VAL A 191 9.67 4.23 3.03
CA VAL A 191 10.14 4.65 1.69
C VAL A 191 9.76 3.64 0.60
N LYS A 192 9.79 2.36 0.93
CA LYS A 192 9.50 1.34 -0.11
C LYS A 192 8.04 1.36 -0.53
N HIS A 193 7.20 2.01 0.24
CA HIS A 193 5.75 2.07 -0.05
C HIS A 193 5.29 3.20 -0.96
N ILE A 194 6.23 3.97 -1.52
CA ILE A 194 5.89 4.96 -2.57
C ILE A 194 6.89 4.78 -3.68
N ARG A 195 6.40 4.88 -4.91
CA ARG A 195 7.29 4.84 -6.07
C ARG A 195 8.56 5.70 -5.89
N LYS A 196 9.68 5.15 -6.40
CA LYS A 196 11.01 5.73 -6.16
C LYS A 196 11.05 7.18 -6.63
N ASP A 197 10.43 7.49 -7.79
CA ASP A 197 10.60 8.82 -8.41
CA ASP A 197 10.69 8.83 -8.36
C ASP A 197 9.95 9.91 -7.56
N PHE A 198 9.04 9.57 -6.67
CA PHE A 198 8.43 10.56 -5.77
C PHE A 198 9.46 11.18 -4.86
N TRP A 199 10.42 10.37 -4.45
CA TRP A 199 11.33 10.72 -3.35
C TRP A 199 12.32 11.84 -3.71
N THR A 200 12.66 11.98 -5.01
N THR A 200 12.71 12.03 -4.96
CA THR A 200 13.55 13.05 -5.55
CA THR A 200 13.64 13.16 -5.25
C THR A 200 12.95 14.40 -5.16
C THR A 200 12.91 14.47 -5.00
N GLY A 201 11.69 14.60 -5.52
CA GLY A 201 10.97 15.84 -5.29
C GLY A 201 10.75 16.11 -3.83
N TYR A 202 10.47 15.04 -3.07
CA TYR A 202 10.12 15.18 -1.65
C TYR A 202 11.38 15.58 -0.87
N ALA A 203 12.51 14.90 -1.13
CA ALA A 203 13.75 15.25 -0.42
C ALA A 203 14.25 16.64 -0.85
N GLU A 204 14.05 17.02 -2.11
CA GLU A 204 14.45 18.37 -2.55
C GLU A 204 13.61 19.43 -1.82
N ALA A 205 12.31 19.18 -1.64
CA ALA A 205 11.42 20.06 -0.90
C ALA A 205 11.90 20.19 0.54
N ALA A 206 12.28 19.05 1.14
CA ALA A 206 12.76 19.11 2.53
C ALA A 206 14.04 19.95 2.65
N GLY A 207 14.95 19.83 1.69
CA GLY A 207 16.12 20.72 1.60
C GLY A 207 17.20 20.44 2.60
N VAL A 208 17.15 19.31 3.29
CA VAL A 208 18.15 18.83 4.26
C VAL A 208 18.42 17.35 3.95
N PHE A 209 19.49 16.87 4.52
CA PHE A 209 19.89 15.46 4.49
C PHE A 209 18.72 14.58 4.94
N ALA A 210 18.50 13.51 4.21
CA ALA A 210 17.45 12.52 4.50
C ALA A 210 18.09 11.13 4.57
N THR A 211 17.74 10.38 5.58
CA THR A 211 18.04 8.93 5.68
C THR A 211 16.70 8.21 5.54
N GLY A 212 16.57 7.35 4.53
CA GLY A 212 15.30 6.68 4.23
C GLY A 212 15.20 5.31 4.88
N GLU A 213 14.01 4.99 5.39
CA GLU A 213 13.71 3.68 5.92
C GLU A 213 13.16 2.79 4.80
N VAL A 214 14.00 1.99 4.17
CA VAL A 214 13.58 0.91 3.23
C VAL A 214 13.67 -0.39 4.02
N PHE A 215 12.56 -0.86 4.54
CA PHE A 215 12.54 -2.00 5.46
C PHE A 215 12.70 -3.30 4.68
N ASN A 216 13.94 -3.65 4.40
CA ASN A 216 14.25 -4.85 3.60
C ASN A 216 15.71 -5.19 3.87
N GLY A 217 16.06 -6.48 3.98
CA GLY A 217 17.46 -6.87 4.28
C GLY A 217 18.37 -7.08 3.10
N ASP A 218 17.82 -6.94 1.90
CA ASP A 218 18.63 -7.30 0.71
C ASP A 218 19.28 -6.05 0.11
N PRO A 219 20.62 -5.99 0.02
CA PRO A 219 21.25 -4.81 -0.59
C PRO A 219 20.72 -4.54 -2.01
N ALA A 220 20.45 -5.60 -2.79
CA ALA A 220 19.95 -5.42 -4.18
C ALA A 220 18.59 -4.74 -4.21
N TYR A 221 17.85 -4.77 -3.11
CA TYR A 221 16.54 -4.09 -2.99
C TYR A 221 16.76 -2.67 -2.46
N VAL A 222 17.52 -2.50 -1.41
CA VAL A 222 17.71 -1.18 -0.71
C VAL A 222 18.63 -0.25 -1.50
N GLY A 223 19.73 -0.81 -2.01
CA GLY A 223 20.81 -0.02 -2.65
C GLY A 223 20.30 0.89 -3.75
N PRO A 224 19.44 0.40 -4.65
CA PRO A 224 18.94 1.26 -5.72
C PRO A 224 18.25 2.52 -5.25
N TYR A 225 17.73 2.53 -4.02
CA TYR A 225 17.05 3.73 -3.50
C TYR A 225 18.05 4.88 -3.33
N GLN A 226 19.35 4.63 -3.28
CA GLN A 226 20.31 5.74 -3.08
C GLN A 226 20.47 6.59 -4.36
N LYS A 227 19.87 6.19 -5.46
N LYS A 227 19.85 6.20 -5.46
CA LYS A 227 19.73 7.09 -6.64
CA LYS A 227 19.71 7.09 -6.65
C LYS A 227 18.76 8.24 -6.29
C LYS A 227 18.71 8.21 -6.36
N TYR A 228 17.84 8.04 -5.37
CA TYR A 228 16.69 8.94 -5.08
C TYR A 228 16.84 9.66 -3.75
N LEU A 229 17.51 9.06 -2.78
CA LEU A 229 17.70 9.64 -1.45
C LEU A 229 19.18 9.54 -1.09
N PRO A 230 19.75 10.48 -0.34
CA PRO A 230 21.21 10.44 -0.18
C PRO A 230 21.70 9.37 0.79
N SER A 231 20.83 8.90 1.68
CA SER A 231 21.13 7.88 2.69
C SER A 231 19.94 6.96 2.89
N LEU A 232 20.23 5.71 3.23
CA LEU A 232 19.23 4.73 3.65
C LEU A 232 19.70 4.17 4.97
N ILE A 233 18.71 3.75 5.72
CA ILE A 233 18.91 2.97 6.97
C ILE A 233 19.50 1.62 6.59
N ASN A 234 20.57 1.23 7.29
CA ASN A 234 21.35 0.04 6.88
C ASN A 234 20.71 -1.23 7.44
N TYR A 235 19.53 -1.55 6.94
CA TYR A 235 18.86 -2.81 7.30
C TYR A 235 19.69 -4.01 6.90
N PRO A 236 20.41 -4.03 5.76
CA PRO A 236 21.16 -5.24 5.43
C PRO A 236 22.22 -5.52 6.49
N MET A 237 22.91 -4.49 7.00
CA MET A 237 23.92 -4.73 8.05
C MET A 237 23.23 -5.11 9.35
N TYR A 238 22.06 -4.59 9.65
CA TYR A 238 21.33 -4.96 10.87
C TYR A 238 21.17 -6.47 10.93
N TYR A 239 20.80 -7.10 9.83
CA TYR A 239 20.61 -8.57 9.85
C TYR A 239 21.94 -9.29 10.06
N ALA A 240 22.99 -8.81 9.45
CA ALA A 240 24.33 -9.45 9.63
C ALA A 240 24.79 -9.33 11.06
N LEU A 241 24.60 -8.15 11.67
CA LEU A 241 25.04 -7.97 13.05
C LEU A 241 24.25 -8.89 13.96
N ASN A 242 22.97 -9.08 13.67
N ASN A 242 22.97 -9.09 13.67
CA ASN A 242 22.13 -9.94 14.51
CA ASN A 242 22.16 -9.98 14.53
C ASN A 242 22.55 -11.40 14.32
C ASN A 242 22.59 -11.43 14.33
N ASP A 243 22.89 -11.82 13.11
CA ASP A 243 23.40 -13.19 12.88
C ASP A 243 24.65 -13.44 13.73
N VAL A 244 25.60 -12.48 13.79
CA VAL A 244 26.89 -12.68 14.48
C VAL A 244 26.68 -12.61 16.00
N PHE A 245 25.92 -11.63 16.50
CA PHE A 245 25.92 -11.27 17.93
C PHE A 245 24.72 -11.80 18.68
N VAL A 246 23.58 -11.93 18.01
CA VAL A 246 22.34 -12.32 18.74
C VAL A 246 22.16 -13.82 18.61
N SER A 247 21.99 -14.39 17.44
N SER A 247 21.76 -14.26 17.40
CA SER A 247 21.84 -15.86 17.38
CA SER A 247 21.46 -15.68 17.05
C SER A 247 23.20 -16.57 17.29
C SER A 247 22.74 -16.51 16.98
N LYS A 248 24.26 -15.87 16.90
N LYS A 248 23.90 -15.88 16.75
CA LYS A 248 25.54 -16.53 16.56
CA LYS A 248 25.24 -16.56 16.68
C LYS A 248 25.20 -17.66 15.57
C LYS A 248 25.21 -17.61 15.56
N SER A 249 24.47 -17.34 14.50
CA SER A 249 24.19 -18.28 13.39
C SER A 249 25.21 -18.11 12.28
N LYS A 250 26.11 -17.10 12.38
CA LYS A 250 27.19 -16.87 11.39
C LYS A 250 28.37 -16.35 12.17
N GLY A 251 29.56 -16.59 11.66
CA GLY A 251 30.75 -15.90 12.08
C GLY A 251 30.98 -14.58 11.38
N PHE A 252 32.08 -13.90 11.70
CA PHE A 252 32.30 -12.52 11.22
C PHE A 252 32.48 -12.44 9.72
N SER A 253 32.69 -13.54 9.00
CA SER A 253 32.65 -13.50 7.52
C SER A 253 31.30 -12.95 7.06
N ARG A 254 30.23 -13.07 7.84
CA ARG A 254 28.92 -12.53 7.37
C ARG A 254 28.99 -11.00 7.35
N ILE A 255 29.70 -10.37 8.28
CA ILE A 255 29.82 -8.88 8.31
C ILE A 255 30.73 -8.46 7.16
N SER A 256 31.84 -9.14 6.92
CA SER A 256 32.75 -8.85 5.79
C SER A 256 31.97 -8.99 4.47
N GLU A 257 31.23 -10.07 4.31
CA GLU A 257 30.43 -10.28 3.07
C GLU A 257 29.41 -9.14 2.94
N MET A 258 28.75 -8.77 4.01
CA MET A 258 27.73 -7.71 3.90
C MET A 258 28.36 -6.37 3.57
N LEU A 259 29.53 -6.04 4.05
CA LEU A 259 30.24 -4.80 3.65
C LEU A 259 30.45 -4.85 2.14
N GLY A 260 30.84 -5.98 1.59
CA GLY A 260 31.11 -6.10 0.16
C GLY A 260 29.82 -6.03 -0.67
N SER A 261 28.76 -6.66 -0.19
CA SER A 261 27.45 -6.59 -0.85
C SER A 261 26.96 -5.16 -0.83
N ASN A 262 27.11 -4.43 0.26
CA ASN A 262 26.68 -3.02 0.31
C ASN A 262 27.53 -2.15 -0.60
N ARG A 263 28.82 -2.38 -0.69
CA ARG A 263 29.70 -1.60 -1.59
C ARG A 263 29.20 -1.80 -3.02
N ASN A 264 28.68 -2.96 -3.36
CA ASN A 264 28.25 -3.29 -4.73
C ASN A 264 26.84 -2.77 -4.99
N ALA A 265 26.04 -2.42 -4.00
CA ALA A 265 24.60 -2.04 -4.20
C ALA A 265 24.38 -0.56 -3.98
N PHE A 266 25.25 0.12 -3.26
CA PHE A 266 25.07 1.52 -2.83
C PHE A 266 26.14 2.40 -3.48
N GLU A 267 25.74 3.59 -3.90
N GLU A 267 25.79 3.62 -3.82
CA GLU A 267 26.66 4.65 -4.37
CA GLU A 267 26.80 4.54 -4.39
C GLU A 267 27.68 5.00 -3.28
C GLU A 267 27.65 5.21 -3.30
N ASP A 268 27.19 5.22 -2.04
CA ASP A 268 28.02 5.77 -0.94
C ASP A 268 27.65 5.08 0.36
N THR A 269 28.47 4.12 0.76
CA THR A 269 28.19 3.37 2.01
C THR A 269 28.47 4.23 3.24
N SER A 270 29.28 5.24 3.14
CA SER A 270 29.73 6.01 4.31
C SER A 270 28.60 6.80 4.99
N VAL A 271 27.50 7.04 4.29
CA VAL A 271 26.38 7.85 4.81
C VAL A 271 25.17 6.97 5.15
N LEU A 272 25.26 5.65 4.97
CA LEU A 272 24.18 4.79 5.45
C LEU A 272 24.19 4.78 6.97
N THR A 273 22.98 4.68 7.55
CA THR A 273 22.85 4.74 9.00
C THR A 273 22.89 3.34 9.60
N THR A 274 23.83 3.10 10.50
CA THR A 274 24.10 1.80 11.11
C THR A 274 23.31 1.68 12.40
N PHE A 275 22.74 0.52 12.65
CA PHE A 275 22.02 0.27 13.90
C PHE A 275 21.97 -1.24 14.18
N VAL A 276 21.69 -1.57 15.41
CA VAL A 276 21.47 -2.99 15.81
C VAL A 276 20.11 -3.23 16.43
N ASP A 277 19.38 -2.18 16.77
CA ASP A 277 17.95 -2.35 17.13
C ASP A 277 17.31 -0.99 16.92
N ASN A 278 15.97 -0.97 17.03
CA ASN A 278 15.15 0.21 16.81
C ASN A 278 13.71 -0.08 17.26
N HIS A 279 12.80 0.87 17.04
CA HIS A 279 11.41 0.82 17.57
C HIS A 279 10.57 -0.23 16.84
N ASP A 280 11.02 -0.80 15.76
CA ASP A 280 10.23 -1.77 14.97
C ASP A 280 10.63 -3.19 15.22
N ASN A 281 11.67 -3.43 16.01
CA ASN A 281 12.19 -4.78 16.21
C ASN A 281 12.50 -5.01 17.67
N PRO A 282 12.43 -6.26 18.13
CA PRO A 282 12.74 -6.56 19.52
C PRO A 282 14.10 -6.02 19.89
N ARG A 283 14.26 -5.51 21.11
CA ARG A 283 15.58 -5.05 21.56
C ARG A 283 16.59 -6.17 21.44
N PHE A 284 17.85 -5.78 21.24
CA PHE A 284 18.97 -6.73 21.26
C PHE A 284 18.91 -7.63 22.48
N LEU A 285 18.77 -7.03 23.66
CA LEU A 285 18.85 -7.79 24.93
C LEU A 285 17.60 -8.65 25.17
N ASN A 286 16.56 -8.52 24.35
CA ASN A 286 15.41 -9.45 24.50
C ASN A 286 15.83 -10.88 24.18
N SER A 287 16.45 -11.05 23.01
N SER A 287 16.43 -11.17 23.05
CA SER A 287 16.86 -12.37 22.44
CA SER A 287 16.75 -12.59 22.80
C SER A 287 18.22 -12.82 23.01
C SER A 287 18.25 -12.83 22.82
N GLN A 288 19.05 -11.84 23.26
CA GLN A 288 20.47 -12.08 23.60
C GLN A 288 20.77 -11.24 24.85
N SER A 289 20.62 -11.79 26.04
CA SER A 289 20.76 -11.01 27.28
C SER A 289 22.24 -10.76 27.65
N ASP A 290 23.19 -11.32 26.92
CA ASP A 290 24.63 -11.17 27.28
C ASP A 290 25.11 -9.75 26.90
N LYS A 291 25.36 -8.92 27.89
CA LYS A 291 25.74 -7.52 27.65
C LYS A 291 27.15 -7.44 27.06
N ALA A 292 28.01 -8.43 27.17
CA ALA A 292 29.30 -8.38 26.42
C ALA A 292 29.01 -8.44 24.92
N LEU A 293 28.10 -9.31 24.46
CA LEU A 293 27.73 -9.35 23.04
C LEU A 293 27.12 -8.02 22.63
N PHE A 294 26.26 -7.45 23.46
CA PHE A 294 25.65 -6.15 23.11
C PHE A 294 26.75 -5.09 22.95
N LYS A 295 27.69 -5.07 23.89
CA LYS A 295 28.78 -4.07 23.83
C LYS A 295 29.58 -4.23 22.55
N ASN A 296 29.86 -5.44 22.12
CA ASN A 296 30.58 -5.67 20.85
C ASN A 296 29.73 -5.12 19.71
N ALA A 297 28.44 -5.39 19.66
CA ALA A 297 27.58 -4.90 18.58
C ALA A 297 27.51 -3.38 18.58
N LEU A 298 27.37 -2.77 19.75
CA LEU A 298 27.34 -1.29 19.86
C LEU A 298 28.65 -0.64 19.40
N THR A 299 29.76 -1.35 19.64
CA THR A 299 31.06 -0.85 19.17
C THR A 299 31.06 -0.81 17.66
N TYR A 300 30.59 -1.86 16.99
CA TYR A 300 30.46 -1.86 15.54
C TYR A 300 29.56 -0.70 15.13
N VAL A 301 28.39 -0.56 15.74
CA VAL A 301 27.45 0.52 15.36
C VAL A 301 28.17 1.87 15.47
N LEU A 302 28.90 2.13 16.53
CA LEU A 302 29.41 3.49 16.82
C LEU A 302 30.68 3.75 16.03
N LEU A 303 31.49 2.72 15.73
CA LEU A 303 32.83 2.97 15.12
C LEU A 303 32.96 2.36 13.74
N GLY A 304 32.11 1.47 13.32
CA GLY A 304 32.22 0.89 11.97
C GLY A 304 31.73 1.83 10.91
N GLU A 305 31.82 1.38 9.68
CA GLU A 305 31.45 2.16 8.49
C GLU A 305 30.01 2.64 8.65
N GLY A 306 29.77 3.92 8.38
CA GLY A 306 28.41 4.49 8.39
C GLY A 306 28.21 5.57 9.40
N ILE A 307 26.99 6.02 9.54
CA ILE A 307 26.55 7.01 10.54
C ILE A 307 25.80 6.26 11.61
N PRO A 308 26.30 6.25 12.87
CA PRO A 308 25.66 5.44 13.88
C PRO A 308 24.31 6.00 14.32
N ILE A 309 23.39 5.06 14.62
CA ILE A 309 22.15 5.34 15.38
C ILE A 309 22.04 4.35 16.51
N VAL A 310 21.91 4.89 17.73
CA VAL A 310 21.62 4.07 18.92
C VAL A 310 20.20 4.38 19.41
N TYR A 311 19.46 3.32 19.70
CA TYR A 311 18.06 3.39 20.14
C TYR A 311 18.00 3.68 21.63
N TYR A 312 17.20 4.68 22.01
CA TYR A 312 17.07 5.14 23.41
C TYR A 312 16.80 3.93 24.30
N GLY A 313 17.38 3.93 25.51
CA GLY A 313 17.18 2.85 26.46
C GLY A 313 18.20 1.75 26.29
N SER A 314 18.93 1.68 25.18
CA SER A 314 20.09 0.79 25.05
C SER A 314 21.05 0.97 26.22
N GLU A 315 21.24 2.24 26.59
CA GLU A 315 22.20 2.61 27.63
C GLU A 315 21.70 2.26 29.01
N GLN A 316 20.45 1.82 29.17
CA GLN A 316 19.88 1.37 30.44
C GLN A 316 19.56 -0.12 30.37
N GLY A 317 20.02 -0.83 29.36
CA GLY A 317 19.83 -2.27 29.34
C GLY A 317 18.41 -2.68 29.07
N PHE A 318 17.63 -1.87 28.37
CA PHE A 318 16.22 -2.25 28.11
C PHE A 318 16.18 -3.52 27.25
N SER A 319 15.18 -4.38 27.50
CA SER A 319 15.16 -5.74 26.93
C SER A 319 13.78 -6.16 26.45
N GLY A 320 12.88 -5.23 26.17
CA GLY A 320 11.54 -5.55 25.68
C GLY A 320 11.56 -6.10 24.26
N GLY A 321 10.57 -6.93 23.94
CA GLY A 321 10.47 -7.68 22.70
C GLY A 321 9.60 -6.98 21.69
N ALA A 322 8.61 -7.68 21.18
CA ALA A 322 7.79 -7.16 20.06
C ALA A 322 7.05 -5.88 20.42
N ASP A 323 6.97 -4.93 19.48
CA ASP A 323 6.22 -3.68 19.60
C ASP A 323 4.90 -3.95 20.30
N PRO A 324 4.53 -3.22 21.36
CA PRO A 324 5.24 -2.05 21.91
C PRO A 324 6.16 -2.27 23.10
N ALA A 325 6.50 -3.53 23.37
CA ALA A 325 7.28 -3.84 24.56
C ALA A 325 8.68 -3.27 24.51
N ASN A 326 9.13 -3.01 23.28
CA ASN A 326 10.45 -2.39 22.97
C ASN A 326 10.37 -0.86 23.01
N ARG A 327 9.25 -0.33 23.45
CA ARG A 327 9.03 1.12 23.52
C ARG A 327 8.76 1.54 24.97
N GLU A 328 9.61 1.07 25.86
CA GLU A 328 9.50 1.34 27.30
C GLU A 328 9.73 2.80 27.60
N VAL A 329 9.19 3.26 28.70
CA VAL A 329 9.45 4.62 29.15
C VAL A 329 10.83 4.69 29.79
N LEU A 330 11.57 5.73 29.46
CA LEU A 330 12.95 5.85 29.98
C LEU A 330 12.99 6.33 31.43
N TRP A 331 11.94 6.97 31.89
CA TRP A 331 12.01 7.67 33.20
C TRP A 331 11.98 6.70 34.37
N THR A 332 11.67 5.44 34.21
CA THR A 332 11.78 4.45 35.29
C THR A 332 13.20 4.34 35.75
N THR A 333 14.16 4.66 34.90
CA THR A 333 15.60 4.55 35.19
C THR A 333 16.13 5.78 35.93
N ASN A 334 15.34 6.83 36.08
CA ASN A 334 15.80 8.14 36.63
C ASN A 334 17.04 8.63 35.90
N TYR A 335 17.23 8.30 34.61
CA TYR A 335 18.29 8.90 33.79
C TYR A 335 19.64 8.68 34.45
N ASP A 336 19.86 7.46 34.89
CA ASP A 336 21.04 7.07 35.68
C ASP A 336 22.26 7.11 34.78
N THR A 337 23.15 8.07 34.95
CA THR A 337 24.37 8.16 34.12
C THR A 337 25.47 7.25 34.63
N SER A 338 25.29 6.62 35.78
N SER A 338 25.28 6.67 35.79
CA SER A 338 26.27 5.64 36.30
CA SER A 338 26.27 5.73 36.36
C SER A 338 26.04 4.23 35.71
C SER A 338 26.05 4.31 35.79
N SER A 339 24.90 3.98 35.06
N SER A 339 25.05 4.10 34.96
CA SER A 339 24.61 2.70 34.36
CA SER A 339 24.81 2.72 34.51
C SER A 339 25.83 2.24 33.55
C SER A 339 25.97 2.24 33.64
N ASP A 340 26.18 0.95 33.68
CA ASP A 340 27.32 0.36 32.99
C ASP A 340 27.22 0.64 31.49
N LEU A 341 26.07 0.44 30.85
CA LEU A 341 26.01 0.64 29.38
C LEU A 341 26.03 2.13 29.02
N TYR A 342 25.57 3.04 29.87
CA TYR A 342 25.72 4.50 29.62
C TYR A 342 27.21 4.82 29.58
N GLN A 343 27.96 4.38 30.58
CA GLN A 343 29.40 4.67 30.64
C GLN A 343 30.13 3.99 29.51
N PHE A 344 29.68 2.82 29.06
CA PHE A 344 30.31 2.13 27.93
C PHE A 344 30.13 2.97 26.66
N ILE A 345 28.92 3.40 26.40
CA ILE A 345 28.59 4.16 25.18
C ILE A 345 29.39 5.46 25.22
N LYS A 346 29.50 6.09 26.40
N LYS A 346 29.45 6.09 26.40
CA LYS A 346 30.26 7.35 26.52
CA LYS A 346 30.22 7.34 26.61
C LYS A 346 31.72 7.08 26.18
C LYS A 346 31.69 7.10 26.24
N THR A 347 32.25 5.98 26.67
CA THR A 347 33.65 5.60 26.35
C THR A 347 33.84 5.47 24.85
N VAL A 348 32.94 4.73 24.18
CA VAL A 348 33.14 4.45 22.75
C VAL A 348 32.90 5.71 21.94
N ASN A 349 31.96 6.54 22.31
CA ASN A 349 31.71 7.78 21.57
C ASN A 349 32.92 8.73 21.67
N SER A 350 33.71 8.63 22.74
N SER A 350 33.67 8.65 22.76
CA SER A 350 34.92 9.48 22.92
CA SER A 350 34.86 9.52 22.89
C SER A 350 35.98 9.09 21.89
C SER A 350 35.85 9.15 21.79
N VAL A 351 35.99 7.85 21.47
CA VAL A 351 36.90 7.40 20.40
C VAL A 351 36.45 7.98 19.07
N ARG A 352 35.13 7.94 18.91
CA ARG A 352 34.47 8.23 17.62
C ARG A 352 34.75 9.68 17.28
N MET A 353 34.53 10.52 18.29
CA MET A 353 34.47 11.99 18.31
C MET A 353 35.86 12.49 17.96
N LYS A 354 36.88 11.80 18.49
CA LYS A 354 38.23 12.38 18.66
C LYS A 354 39.30 11.66 17.83
N SER A 355 38.92 10.59 17.13
N SER A 355 38.93 10.59 17.12
CA SER A 355 39.78 9.86 16.16
CA SER A 355 39.80 9.89 16.15
C SER A 355 39.57 10.44 14.75
C SER A 355 39.59 10.50 14.76
N ASN A 356 40.59 10.36 13.89
CA ASN A 356 40.41 10.63 12.43
C ASN A 356 39.14 9.85 12.02
N LYS A 357 38.37 10.35 11.05
CA LYS A 357 37.10 9.65 10.69
C LYS A 357 37.37 8.58 9.60
N ALA A 358 38.60 8.38 9.11
CA ALA A 358 38.90 7.31 8.14
C ALA A 358 38.65 5.98 8.85
N VAL A 359 37.75 5.20 8.29
N VAL A 359 37.79 5.13 8.30
CA VAL A 359 37.53 3.82 8.78
CA VAL A 359 37.66 3.75 8.85
C VAL A 359 38.09 2.87 7.75
C VAL A 359 38.29 2.80 7.84
N TYR A 360 38.87 1.89 8.23
N TYR A 360 38.87 1.71 8.34
CA TYR A 360 39.39 0.77 7.43
CA TYR A 360 39.46 0.68 7.45
C TYR A 360 38.78 -0.52 7.99
C TYR A 360 38.89 -0.65 7.93
N MET A 361 37.84 -1.12 7.26
CA MET A 361 37.16 -2.36 7.73
C MET A 361 38.02 -3.55 7.33
N ASP A 362 37.75 -4.69 7.95
CA ASP A 362 38.31 -5.99 7.52
C ASP A 362 39.84 -6.04 7.70
N ILE A 363 40.44 -5.40 8.72
N ILE A 363 40.43 -5.42 8.72
CA ILE A 363 41.86 -5.64 9.13
CA ILE A 363 41.85 -5.69 9.04
C ILE A 363 42.03 -7.15 9.37
C ILE A 363 42.01 -7.18 9.32
N TYR A 364 41.07 -7.75 10.05
CA TYR A 364 41.07 -9.18 10.36
C TYR A 364 39.63 -9.68 10.37
N VAL A 365 39.39 -10.75 9.62
CA VAL A 365 38.08 -11.42 9.60
C VAL A 365 38.32 -12.85 10.12
N GLY A 366 38.02 -13.06 11.37
CA GLY A 366 38.05 -14.41 11.95
C GLY A 366 36.68 -15.02 11.96
N ASP A 367 36.51 -16.13 12.62
CA ASP A 367 35.19 -16.75 12.85
C ASP A 367 34.51 -16.05 14.02
N ASN A 368 35.14 -16.08 15.17
CA ASN A 368 34.61 -15.50 16.43
C ASN A 368 35.22 -14.17 16.78
N ALA A 369 36.12 -13.62 15.95
CA ALA A 369 36.74 -12.31 16.22
C ALA A 369 36.96 -11.57 14.91
N TYR A 370 37.18 -10.28 15.04
CA TYR A 370 37.18 -9.36 13.90
C TYR A 370 37.94 -8.13 14.30
N ALA A 371 38.70 -7.49 13.39
CA ALA A 371 39.34 -6.19 13.72
C ALA A 371 39.23 -5.23 12.53
N PHE A 372 39.20 -3.98 12.91
CA PHE A 372 39.14 -2.86 11.94
C PHE A 372 39.81 -1.67 12.56
N LYS A 373 40.07 -0.66 11.72
CA LYS A 373 40.65 0.59 12.26
C LYS A 373 39.61 1.69 12.18
N HIS A 374 39.56 2.50 13.20
CA HIS A 374 38.73 3.74 13.22
C HIS A 374 39.70 4.84 13.58
N GLY A 375 40.03 5.65 12.57
CA GLY A 375 41.18 6.55 12.69
C GLY A 375 42.42 5.78 13.08
N ASP A 376 43.06 6.17 14.16
N ASP A 376 42.98 6.20 14.21
CA ASP A 376 44.32 5.53 14.60
CA ASP A 376 44.26 5.74 14.82
C ASP A 376 44.01 4.32 15.49
C ASP A 376 43.98 4.59 15.80
N ALA A 377 42.74 4.12 15.89
CA ALA A 377 42.37 3.11 16.91
C ALA A 377 42.16 1.76 16.20
N LEU A 378 42.70 0.70 16.82
CA LEU A 378 42.46 -0.70 16.40
C LEU A 378 41.34 -1.30 17.25
N VAL A 379 40.23 -1.54 16.57
CA VAL A 379 38.98 -2.04 17.21
C VAL A 379 38.92 -3.54 17.00
N VAL A 380 38.79 -4.27 18.10
CA VAL A 380 38.70 -5.75 18.04
C VAL A 380 37.37 -6.19 18.64
N LEU A 381 36.61 -6.92 17.84
CA LEU A 381 35.29 -7.41 18.29
C LEU A 381 35.38 -8.93 18.42
N ASN A 382 34.47 -9.50 19.20
CA ASN A 382 34.33 -10.97 19.28
C ASN A 382 32.92 -11.37 19.67
N ASN A 383 32.58 -12.62 19.42
CA ASN A 383 31.27 -13.12 19.83
C ASN A 383 31.42 -14.30 20.78
N TYR A 384 32.47 -14.34 21.59
CA TYR A 384 32.57 -15.40 22.60
C TYR A 384 31.61 -15.12 23.76
N GLY A 385 31.32 -13.88 24.07
CA GLY A 385 30.37 -13.55 25.12
C GLY A 385 30.97 -13.48 26.51
N SER A 386 30.11 -13.24 27.45
CA SER A 386 30.53 -12.94 28.84
C SER A 386 31.32 -14.09 29.43
N GLY A 387 32.32 -13.69 30.18
CA GLY A 387 33.20 -14.63 30.87
C GLY A 387 34.32 -15.13 30.00
N SER A 388 34.36 -14.81 28.72
CA SER A 388 35.43 -15.30 27.85
C SER A 388 36.77 -14.61 28.14
N THR A 389 37.84 -15.41 28.28
CA THR A 389 39.25 -14.94 28.27
C THR A 389 39.96 -15.59 27.08
N ASN A 390 39.21 -15.86 26.02
CA ASN A 390 39.81 -16.47 24.81
C ASN A 390 40.92 -15.59 24.25
N GLN A 391 41.90 -16.26 23.65
CA GLN A 391 42.92 -15.61 22.87
C GLN A 391 42.29 -15.11 21.57
N VAL A 392 42.72 -13.93 21.21
CA VAL A 392 42.49 -13.34 19.87
C VAL A 392 43.84 -13.09 19.26
N SER A 393 44.05 -13.41 17.99
CA SER A 393 45.35 -13.23 17.33
C SER A 393 45.16 -12.92 15.86
N PHE A 394 45.94 -11.99 15.35
CA PHE A 394 45.86 -11.60 13.94
C PHE A 394 47.02 -10.72 13.58
N SER A 395 47.38 -10.73 12.29
CA SER A 395 48.43 -9.87 11.78
C SER A 395 47.98 -8.43 11.60
N VAL A 396 48.88 -7.51 11.96
CA VAL A 396 48.75 -6.06 11.64
C VAL A 396 49.97 -5.60 10.84
N SER A 397 50.59 -6.51 10.09
CA SER A 397 51.78 -6.14 9.28
C SER A 397 51.43 -5.00 8.31
N GLY A 398 52.25 -3.95 8.30
CA GLY A 398 52.04 -2.74 7.51
C GLY A 398 50.94 -1.82 8.03
N LYS A 399 50.23 -2.15 9.12
CA LYS A 399 49.20 -1.25 9.69
C LYS A 399 49.68 -0.71 11.03
N PHE A 400 50.38 -1.52 11.81
CA PHE A 400 51.06 -1.05 13.04
C PHE A 400 52.47 -1.60 13.02
N ASP A 401 53.41 -0.83 13.55
CA ASP A 401 54.84 -1.22 13.51
C ASP A 401 55.05 -2.44 14.39
N SER A 402 55.92 -3.32 13.93
CA SER A 402 56.45 -4.39 14.77
C SER A 402 56.99 -3.75 16.06
N GLY A 403 56.72 -4.42 17.19
CA GLY A 403 57.13 -3.98 18.54
C GLY A 403 56.29 -2.85 19.12
N ALA A 404 55.25 -2.37 18.43
CA ALA A 404 54.41 -1.25 18.91
C ALA A 404 53.66 -1.67 20.16
N SER A 405 53.55 -0.76 21.13
N SER A 405 53.62 -0.80 21.16
CA SER A 405 52.78 -0.97 22.39
CA SER A 405 52.80 -0.97 22.38
C SER A 405 51.33 -0.51 22.19
C SER A 405 51.36 -0.56 22.05
N LEU A 406 50.39 -1.42 22.35
CA LEU A 406 48.94 -1.12 22.18
C LEU A 406 48.25 -1.19 23.53
N MET A 407 47.39 -0.24 23.82
CA MET A 407 46.72 -0.15 25.13
CA MET A 407 46.71 -0.19 25.13
C MET A 407 45.21 -0.01 24.88
N ASP A 408 44.46 -0.91 25.47
CA ASP A 408 42.99 -0.98 25.30
C ASP A 408 42.34 0.04 26.21
N ILE A 409 41.47 0.83 25.59
N ILE A 409 41.40 0.83 25.73
CA ILE A 409 40.63 1.87 26.25
CA ILE A 409 40.69 1.77 26.65
C ILE A 409 39.51 1.25 27.10
C ILE A 409 39.57 1.06 27.40
N VAL A 410 39.03 0.00 26.81
CA VAL A 410 37.85 -0.63 27.46
C VAL A 410 38.24 -1.31 28.74
N SER A 411 39.27 -2.15 28.70
CA SER A 411 39.70 -3.05 29.80
C SER A 411 41.15 -2.72 30.11
N ASN A 412 41.77 -3.43 31.01
CA ASN A 412 43.17 -2.93 31.29
C ASN A 412 44.21 -3.31 30.19
N ILE A 413 43.87 -3.79 28.99
CA ILE A 413 44.74 -4.78 28.29
C ILE A 413 45.87 -4.06 27.59
N THR A 414 47.11 -4.49 27.82
N THR A 414 47.10 -4.52 27.82
CA THR A 414 48.30 -3.97 27.14
CA THR A 414 48.30 -3.99 27.16
C THR A 414 48.92 -5.14 26.39
C THR A 414 48.89 -5.17 26.37
N THR A 415 49.29 -4.92 25.14
CA THR A 415 49.82 -5.96 24.26
C THR A 415 50.81 -5.28 23.33
N THR A 416 51.82 -6.05 22.95
CA THR A 416 52.89 -5.58 22.05
C THR A 416 52.78 -6.34 20.73
N VAL A 417 52.77 -5.58 19.65
CA VAL A 417 52.83 -6.14 18.28
C VAL A 417 54.12 -6.94 18.25
N SER A 418 54.06 -8.21 17.84
CA SER A 418 55.27 -9.08 17.82
C SER A 418 56.30 -8.51 16.86
N SER A 419 57.51 -9.07 16.92
CA SER A 419 58.67 -8.72 16.07
C SER A 419 58.32 -8.90 14.60
N ASP A 420 57.30 -9.73 14.25
CA ASP A 420 56.85 -9.93 12.84
C ASP A 420 55.40 -9.49 12.63
N GLY A 421 54.85 -8.61 13.49
CA GLY A 421 53.61 -7.90 13.14
C GLY A 421 52.31 -8.53 13.64
N THR A 422 52.36 -9.49 14.56
CA THR A 422 51.19 -10.21 15.06
C THR A 422 50.72 -9.59 16.38
N VAL A 423 49.43 -9.36 16.48
CA VAL A 423 48.77 -8.97 17.74
C VAL A 423 48.16 -10.24 18.33
N THR A 424 48.49 -10.54 19.59
CA THR A 424 47.94 -11.70 20.28
C THR A 424 47.64 -11.28 21.71
N PHE A 425 46.42 -11.46 22.18
CA PHE A 425 46.04 -11.09 23.55
C PHE A 425 44.85 -11.92 23.98
N ASN A 426 44.62 -11.94 25.28
CA ASN A 426 43.47 -12.56 25.88
C ASN A 426 42.38 -11.53 26.18
N LEU A 427 41.15 -11.89 25.85
CA LEU A 427 39.97 -11.07 26.16
C LEU A 427 39.77 -10.97 27.66
N LYS A 428 39.08 -9.93 28.07
CA LYS A 428 38.57 -9.76 29.46
C LYS A 428 37.05 -9.79 29.36
N ASP A 429 36.42 -10.81 29.90
CA ASP A 429 34.95 -10.92 30.02
C ASP A 429 34.28 -10.81 28.65
N GLY A 430 34.93 -11.28 27.60
CA GLY A 430 34.35 -11.22 26.24
C GLY A 430 34.19 -9.80 25.69
N LEU A 431 34.83 -8.82 26.29
CA LEU A 431 34.57 -7.40 25.95
C LEU A 431 35.21 -7.01 24.63
N PRO A 432 34.62 -6.05 23.90
CA PRO A 432 35.33 -5.47 22.79
C PRO A 432 36.61 -4.81 23.33
N ALA A 433 37.59 -4.65 22.47
CA ALA A 433 38.83 -3.92 22.79
C ALA A 433 39.06 -2.82 21.74
N ILE A 434 39.50 -1.67 22.22
CA ILE A 434 39.82 -0.52 21.37
C ILE A 434 41.23 -0.08 21.76
N PHE A 435 42.18 -0.40 20.93
CA PHE A 435 43.61 -0.15 21.21
C PHE A 435 44.09 1.10 20.50
N THR A 436 44.90 1.81 21.25
CA THR A 436 45.73 2.85 20.61
C THR A 436 47.19 2.55 20.81
N SER A 437 48.00 3.18 19.97
N SER A 437 48.03 3.07 19.91
CA SER A 437 49.47 2.98 19.94
CA SER A 437 49.50 2.87 19.98
C SER A 437 50.12 4.04 20.83
C SER A 437 50.13 4.01 20.81
N ALA A 438 51.17 3.63 21.54
CA ALA A 438 51.99 4.53 22.38
C ALA A 438 52.73 5.49 21.45
N ALA B 1 -28.59 -2.86 -29.69
CA ALA B 1 -29.75 -3.07 -28.81
C ALA B 1 -30.04 -1.81 -28.01
N THR B 2 -31.29 -1.59 -27.66
CA THR B 2 -31.77 -0.39 -26.97
C THR B 2 -31.62 -0.51 -25.45
N SER B 3 -31.83 0.57 -24.72
CA SER B 3 -31.86 0.57 -23.24
C SER B 3 -32.88 -0.47 -22.76
N ASP B 4 -34.10 -0.44 -23.34
CA ASP B 4 -35.15 -1.39 -22.91
C ASP B 4 -34.66 -2.84 -23.12
N ASP B 5 -34.02 -3.12 -24.26
CA ASP B 5 -33.51 -4.47 -24.59
C ASP B 5 -32.50 -4.92 -23.53
N TRP B 6 -31.66 -3.99 -23.05
CA TRP B 6 -30.60 -4.31 -22.09
C TRP B 6 -31.09 -4.43 -20.64
N LYS B 7 -32.30 -3.99 -20.35
CA LYS B 7 -32.81 -3.87 -18.95
C LYS B 7 -32.81 -5.21 -18.26
N SER B 8 -33.04 -6.30 -18.97
CA SER B 8 -33.19 -7.66 -18.42
C SER B 8 -31.89 -8.45 -18.45
N LYS B 9 -30.75 -7.88 -18.92
CA LYS B 9 -29.51 -8.64 -19.15
C LYS B 9 -28.61 -8.59 -17.91
N ALA B 10 -27.73 -9.57 -17.81
CA ALA B 10 -26.66 -9.60 -16.79
C ALA B 10 -25.33 -9.83 -17.50
N ILE B 11 -24.38 -8.93 -17.23
CA ILE B 11 -23.12 -8.82 -17.97
C ILE B 11 -22.00 -9.54 -17.24
N TYR B 12 -21.25 -10.34 -17.98
CA TYR B 12 -19.94 -10.89 -17.50
C TYR B 12 -18.84 -10.05 -18.10
N GLN B 13 -18.13 -9.30 -17.24
CA GLN B 13 -17.04 -8.44 -17.74
C GLN B 13 -15.76 -9.27 -17.81
N LEU B 14 -15.16 -9.34 -18.97
CA LEU B 14 -13.88 -10.10 -19.09
C LEU B 14 -12.83 -9.23 -19.73
N LEU B 15 -11.57 -9.55 -19.40
CA LEU B 15 -10.44 -8.94 -20.13
C LEU B 15 -10.01 -9.94 -21.21
N THR B 16 -9.98 -9.45 -22.47
CA THR B 16 -9.75 -10.35 -23.58
C THR B 16 -8.41 -11.04 -23.39
N ASP B 17 -7.38 -10.29 -22.95
CA ASP B 17 -6.03 -10.90 -22.80
C ASP B 17 -5.98 -11.97 -21.70
N ARG B 18 -6.96 -12.05 -20.83
CA ARG B 18 -6.87 -12.82 -19.57
C ARG B 18 -7.91 -13.93 -19.50
N PHE B 19 -8.86 -14.01 -20.44
CA PHE B 19 -10.02 -14.92 -20.28
C PHE B 19 -9.70 -16.29 -20.84
N GLY B 20 -9.27 -16.41 -22.09
CA GLY B 20 -9.11 -17.75 -22.66
C GLY B 20 -8.22 -17.75 -23.88
N ARG B 21 -7.74 -18.92 -24.28
N ARG B 21 -7.78 -18.96 -24.25
CA ARG B 21 -6.85 -19.04 -25.47
CA ARG B 21 -6.79 -19.25 -25.32
C ARG B 21 -7.24 -20.34 -26.17
C ARG B 21 -7.36 -20.34 -26.23
N ALA B 22 -6.76 -20.50 -27.41
CA ALA B 22 -7.09 -21.68 -28.25
C ALA B 22 -6.53 -22.94 -27.56
N ASP B 23 -5.32 -22.91 -27.01
CA ASP B 23 -4.72 -24.16 -26.48
C ASP B 23 -5.32 -24.49 -25.11
N ASP B 24 -4.91 -25.60 -24.49
CA ASP B 24 -5.57 -26.22 -23.31
C ASP B 24 -4.83 -25.79 -22.04
N SER B 25 -3.84 -24.92 -22.19
CA SER B 25 -2.86 -24.64 -21.12
C SER B 25 -3.58 -24.16 -19.87
N THR B 26 -3.24 -24.72 -18.72
CA THR B 26 -3.61 -24.19 -17.38
C THR B 26 -2.43 -23.50 -16.73
N SER B 27 -1.37 -23.18 -17.47
CA SER B 27 -0.18 -22.53 -16.90
C SER B 27 -0.48 -21.08 -16.53
N ASN B 28 0.12 -20.61 -15.48
CA ASN B 28 0.06 -19.17 -15.07
C ASN B 28 0.83 -18.34 -16.10
N CYS B 29 0.54 -17.04 -16.05
CA CYS B 29 1.24 -16.02 -16.84
C CYS B 29 2.37 -15.48 -15.97
N SER B 30 3.54 -15.28 -16.55
CA SER B 30 4.73 -14.86 -15.75
C SER B 30 4.78 -13.34 -15.54
N ASN B 31 3.95 -12.55 -16.21
CA ASN B 31 4.01 -11.07 -16.07
C ASN B 31 2.62 -10.46 -16.36
N LEU B 32 1.90 -10.15 -15.29
CA LEU B 32 0.51 -9.65 -15.41
C LEU B 32 0.51 -8.20 -15.91
N SER B 33 1.67 -7.55 -16.08
CA SER B 33 1.72 -6.19 -16.70
C SER B 33 1.94 -6.25 -18.21
N ASN B 34 2.05 -7.41 -18.81
CA ASN B 34 2.18 -7.51 -20.28
C ASN B 34 1.22 -8.54 -20.85
N TYR B 35 1.17 -8.69 -22.16
CA TYR B 35 0.26 -9.65 -22.79
C TYR B 35 0.50 -11.04 -22.19
N CYS B 36 -0.60 -11.67 -21.84
CA CYS B 36 -0.62 -13.08 -21.37
C CYS B 36 -1.14 -14.01 -22.47
N GLY B 37 -1.81 -13.52 -23.50
CA GLY B 37 -2.10 -14.35 -24.68
C GLY B 37 -3.56 -14.68 -24.88
N GLY B 38 -4.48 -14.07 -24.14
CA GLY B 38 -5.91 -14.33 -24.40
C GLY B 38 -6.39 -13.79 -25.72
N THR B 39 -7.36 -14.45 -26.32
CA THR B 39 -7.81 -14.12 -27.67
C THR B 39 -9.32 -14.20 -27.77
N TYR B 40 -9.84 -13.69 -28.85
CA TYR B 40 -11.27 -13.85 -29.17
C TYR B 40 -11.66 -15.34 -29.30
N GLU B 41 -10.81 -16.12 -29.96
N GLU B 41 -10.84 -16.17 -29.91
CA GLU B 41 -11.07 -17.57 -30.17
CA GLU B 41 -11.22 -17.59 -30.09
C GLU B 41 -11.22 -18.18 -28.78
C GLU B 41 -11.19 -18.28 -28.73
N GLY B 42 -10.38 -17.77 -27.81
CA GLY B 42 -10.42 -18.23 -26.40
C GLY B 42 -11.71 -17.90 -25.72
N ILE B 43 -12.35 -16.79 -26.06
CA ILE B 43 -13.69 -16.47 -25.49
C ILE B 43 -14.67 -17.41 -26.18
N THR B 44 -14.69 -17.51 -27.51
CA THR B 44 -15.70 -18.31 -28.23
C THR B 44 -15.69 -19.73 -27.68
N LYS B 45 -14.52 -20.31 -27.44
N LYS B 45 -14.51 -20.32 -27.49
CA LYS B 45 -14.41 -21.73 -27.02
CA LYS B 45 -14.33 -21.71 -26.99
C LYS B 45 -14.94 -21.95 -25.60
C LYS B 45 -15.12 -21.89 -25.69
N HIS B 46 -15.15 -20.86 -24.82
CA HIS B 46 -15.72 -20.97 -23.47
C HIS B 46 -17.00 -20.16 -23.31
N LEU B 47 -17.76 -19.87 -24.36
CA LEU B 47 -19.04 -19.20 -24.17
C LEU B 47 -19.99 -20.05 -23.32
N ASP B 48 -19.99 -21.38 -23.48
CA ASP B 48 -20.83 -22.26 -22.65
C ASP B 48 -20.52 -22.07 -21.15
N TYR B 49 -19.29 -21.83 -20.77
CA TYR B 49 -18.84 -21.58 -19.37
C TYR B 49 -19.55 -20.34 -18.85
N ILE B 50 -19.58 -19.31 -19.67
CA ILE B 50 -20.19 -18.02 -19.25
C ILE B 50 -21.71 -18.18 -19.19
N SER B 51 -22.32 -18.68 -20.24
N SER B 51 -22.30 -18.69 -20.27
CA SER B 51 -23.80 -18.84 -20.25
CA SER B 51 -23.77 -18.92 -20.38
C SER B 51 -24.25 -19.87 -19.21
C SER B 51 -24.25 -19.88 -19.29
N GLY B 52 -23.41 -20.83 -18.89
CA GLY B 52 -23.75 -21.85 -17.89
C GLY B 52 -23.88 -21.30 -16.51
N MET B 53 -23.36 -20.11 -16.24
CA MET B 53 -23.57 -19.42 -14.97
C MET B 53 -24.79 -18.54 -15.01
N GLY B 54 -25.43 -18.38 -16.16
CA GLY B 54 -26.66 -17.59 -16.26
C GLY B 54 -26.46 -16.16 -16.72
N PHE B 55 -25.27 -15.86 -17.26
CA PHE B 55 -25.04 -14.54 -17.92
C PHE B 55 -25.50 -14.56 -19.36
N ASP B 56 -26.06 -13.48 -19.85
CA ASP B 56 -26.55 -13.40 -21.26
C ASP B 56 -25.90 -12.23 -21.98
N ALA B 57 -24.79 -11.73 -21.46
CA ALA B 57 -24.05 -10.66 -22.16
C ALA B 57 -22.61 -10.74 -21.69
N ILE B 58 -21.69 -10.28 -22.54
CA ILE B 58 -20.28 -10.10 -22.16
C ILE B 58 -19.86 -8.70 -22.50
N TRP B 59 -18.96 -8.19 -21.72
CA TRP B 59 -18.24 -6.94 -21.98
C TRP B 59 -16.78 -7.29 -22.19
N ILE B 60 -16.27 -6.98 -23.38
CA ILE B 60 -14.88 -7.31 -23.79
C ILE B 60 -14.01 -6.05 -23.82
N SER B 61 -12.71 -6.27 -23.86
CA SER B 61 -11.72 -5.17 -23.87
C SER B 61 -11.88 -4.35 -25.15
N PRO B 62 -11.42 -3.10 -25.12
CA PRO B 62 -11.31 -2.34 -26.35
C PRO B 62 -10.47 -3.10 -27.41
N ILE B 63 -10.86 -2.93 -28.66
CA ILE B 63 -10.29 -3.72 -29.77
C ILE B 63 -9.18 -3.07 -30.60
N PRO B 64 -8.89 -1.76 -30.56
CA PRO B 64 -7.95 -1.25 -31.56
C PRO B 64 -6.50 -1.57 -31.22
N LYS B 65 -5.64 -1.43 -32.23
N LYS B 65 -5.65 -1.41 -32.22
CA LYS B 65 -4.16 -1.49 -32.06
CA LYS B 65 -4.18 -1.51 -32.04
C LYS B 65 -3.75 -0.60 -30.89
C LYS B 65 -3.75 -0.60 -30.89
N ASN B 66 -2.86 -1.09 -30.03
CA ASN B 66 -2.42 -0.37 -28.84
C ASN B 66 -0.91 -0.12 -28.90
N SER B 67 -0.45 0.82 -28.10
CA SER B 67 0.98 0.99 -27.81
C SER B 67 1.51 -0.24 -27.06
N ASP B 68 2.82 -0.30 -26.91
CA ASP B 68 3.53 -1.40 -26.22
C ASP B 68 2.90 -1.61 -24.85
N GLY B 69 2.66 -2.89 -24.54
CA GLY B 69 2.16 -3.29 -23.24
C GLY B 69 0.68 -3.00 -23.02
N GLY B 70 -0.05 -2.55 -24.04
CA GLY B 70 -1.49 -2.24 -23.91
C GLY B 70 -2.39 -3.45 -23.95
N TYR B 71 -2.11 -4.44 -23.09
CA TYR B 71 -2.87 -5.72 -23.12
C TYR B 71 -4.36 -5.50 -22.77
N HIS B 72 -4.62 -4.42 -22.03
CA HIS B 72 -6.00 -4.02 -21.61
C HIS B 72 -6.75 -3.29 -22.73
N GLY B 73 -6.11 -2.85 -23.80
CA GLY B 73 -6.79 -2.17 -24.90
C GLY B 73 -6.97 -0.69 -24.70
N TYR B 74 -6.63 -0.10 -23.57
CA TYR B 74 -6.98 1.30 -23.30
C TYR B 74 -5.96 2.32 -23.82
N TRP B 75 -4.96 1.90 -24.57
CA TRP B 75 -3.84 2.73 -25.06
C TRP B 75 -3.81 2.66 -26.60
N ALA B 76 -4.89 3.09 -27.25
CA ALA B 76 -4.99 3.01 -28.72
C ALA B 76 -3.91 3.84 -29.42
N THR B 77 -3.50 3.32 -30.59
CA THR B 77 -2.64 4.12 -31.50
C THR B 77 -3.44 4.35 -32.77
N ASP B 78 -3.54 3.31 -33.59
CA ASP B 78 -4.35 3.33 -34.81
C ASP B 78 -5.71 2.72 -34.47
N PHE B 79 -6.68 3.61 -34.30
CA PHE B 79 -8.05 3.23 -33.92
C PHE B 79 -8.71 2.39 -35.01
N TYR B 80 -8.27 2.46 -36.25
CA TYR B 80 -8.89 1.76 -37.39
C TYR B 80 -8.27 0.39 -37.61
N GLN B 81 -7.25 -0.01 -36.86
CA GLN B 81 -6.68 -1.35 -36.96
C GLN B 81 -7.05 -2.15 -35.71
N LEU B 82 -7.19 -3.44 -35.85
CA LEU B 82 -7.42 -4.35 -34.70
C LEU B 82 -6.10 -4.59 -33.96
N ASN B 83 -6.22 -4.80 -32.67
CA ASN B 83 -5.13 -5.32 -31.82
C ASN B 83 -4.90 -6.76 -32.29
N SER B 84 -3.81 -7.02 -32.95
CA SER B 84 -3.60 -8.39 -33.50
C SER B 84 -3.32 -9.40 -32.37
N ASN B 85 -2.95 -8.97 -31.17
CA ASN B 85 -2.84 -9.92 -30.06
C ASN B 85 -4.13 -10.71 -29.87
N PHE B 86 -5.28 -10.08 -30.01
CA PHE B 86 -6.54 -10.75 -29.67
C PHE B 86 -7.02 -11.61 -30.83
N GLY B 87 -6.66 -11.27 -32.06
CA GLY B 87 -7.16 -11.98 -33.24
C GLY B 87 -7.55 -11.06 -34.36
N ASP B 88 -7.91 -11.60 -35.53
CA ASP B 88 -8.27 -10.81 -36.68
C ASP B 88 -9.76 -10.60 -36.83
N GLU B 89 -10.14 -9.92 -37.87
CA GLU B 89 -11.55 -9.54 -38.15
C GLU B 89 -12.39 -10.81 -38.13
N SER B 90 -11.94 -11.89 -38.81
N SER B 90 -11.96 -11.88 -38.82
CA SER B 90 -12.73 -13.10 -38.90
CA SER B 90 -12.81 -13.10 -38.90
C SER B 90 -13.00 -13.69 -37.50
C SER B 90 -13.01 -13.70 -37.50
N GLN B 91 -12.01 -13.68 -36.67
CA GLN B 91 -12.07 -14.27 -35.31
C GLN B 91 -12.98 -13.42 -34.43
N LEU B 92 -12.94 -12.10 -34.54
CA LEU B 92 -13.88 -11.25 -33.76
C LEU B 92 -15.30 -11.47 -34.29
N LYS B 93 -15.54 -11.52 -35.60
CA LYS B 93 -16.92 -11.75 -36.09
C LYS B 93 -17.39 -13.16 -35.66
N ALA B 94 -16.51 -14.15 -35.63
CA ALA B 94 -16.89 -15.53 -35.24
C ALA B 94 -17.33 -15.52 -33.76
N LEU B 95 -16.65 -14.73 -32.91
CA LEU B 95 -17.05 -14.65 -31.46
C LEU B 95 -18.40 -13.99 -31.41
N ILE B 96 -18.64 -12.90 -32.09
CA ILE B 96 -19.92 -12.17 -31.95
C ILE B 96 -21.05 -13.02 -32.50
N GLN B 97 -20.82 -13.72 -33.61
N GLN B 97 -20.81 -13.71 -33.60
CA GLN B 97 -21.84 -14.63 -34.18
CA GLN B 97 -21.85 -14.56 -34.18
C GLN B 97 -22.16 -15.74 -33.20
C GLN B 97 -22.15 -15.73 -33.24
N ALA B 98 -21.17 -16.36 -32.61
CA ALA B 98 -21.36 -17.49 -31.68
C ALA B 98 -22.14 -16.99 -30.47
N ALA B 99 -21.81 -15.80 -29.98
CA ALA B 99 -22.54 -15.25 -28.83
C ALA B 99 -23.98 -14.96 -29.22
N HIS B 100 -24.23 -14.32 -30.34
CA HIS B 100 -25.57 -14.00 -30.83
C HIS B 100 -26.38 -15.29 -31.02
N GLU B 101 -25.79 -16.31 -31.61
CA GLU B 101 -26.47 -17.62 -31.81
C GLU B 101 -26.86 -18.21 -30.46
N ARG B 102 -26.10 -17.95 -29.41
CA ARG B 102 -26.40 -18.38 -28.02
C ARG B 102 -27.28 -17.37 -27.28
N ASP B 103 -27.92 -16.42 -27.94
CA ASP B 103 -28.87 -15.45 -27.32
C ASP B 103 -28.12 -14.62 -26.28
N MET B 104 -26.91 -14.24 -26.64
CA MET B 104 -26.06 -13.38 -25.76
C MET B 104 -25.76 -12.09 -26.50
N TYR B 105 -25.67 -11.01 -25.73
CA TYR B 105 -25.18 -9.73 -26.28
C TYR B 105 -23.68 -9.56 -26.04
N VAL B 106 -23.05 -8.76 -26.89
CA VAL B 106 -21.64 -8.38 -26.77
C VAL B 106 -21.54 -6.88 -26.70
N MET B 107 -20.95 -6.43 -25.60
CA MET B 107 -20.72 -5.02 -25.30
C MET B 107 -19.26 -4.71 -25.52
N LEU B 108 -18.98 -3.71 -26.33
CA LEU B 108 -17.60 -3.27 -26.64
C LEU B 108 -17.20 -2.11 -25.71
N ASP B 109 -16.02 -2.21 -25.10
CA ASP B 109 -15.37 -1.10 -24.38
C ASP B 109 -14.79 -0.14 -25.41
N VAL B 110 -15.03 1.16 -25.24
CA VAL B 110 -14.57 2.18 -26.20
C VAL B 110 -13.95 3.35 -25.45
N VAL B 111 -12.87 3.82 -26.06
CA VAL B 111 -12.14 5.01 -25.57
C VAL B 111 -12.24 6.12 -26.62
N ALA B 112 -12.61 7.33 -26.20
CA ALA B 112 -12.56 8.54 -27.06
C ALA B 112 -11.57 9.54 -26.50
N ASN B 113 -11.18 9.39 -25.24
CA ASN B 113 -10.49 10.47 -24.50
C ASN B 113 -9.01 10.56 -24.89
N HIS B 114 -8.37 9.45 -25.14
CA HIS B 114 -6.87 9.42 -25.19
C HIS B 114 -6.37 8.30 -26.06
N ALA B 115 -5.13 8.43 -26.43
CA ALA B 115 -4.31 7.41 -27.11
C ALA B 115 -3.32 6.81 -26.09
N GLY B 116 -2.51 5.87 -26.58
CA GLY B 116 -1.47 5.24 -25.78
C GLY B 116 -0.21 6.12 -25.70
N PRO B 117 0.56 5.92 -24.62
CA PRO B 117 1.76 6.73 -24.41
C PRO B 117 2.74 6.53 -25.53
N THR B 118 3.46 7.61 -25.78
CA THR B 118 4.53 7.62 -26.77
C THR B 118 5.80 7.11 -26.06
N SER B 119 6.72 6.65 -26.88
CA SER B 119 8.01 6.09 -26.41
C SER B 119 9.16 6.86 -27.03
N IAS B 120 8.87 7.86 -27.85
CA IAS B 120 9.94 8.56 -28.60
C IAS B 120 10.43 9.86 -27.84
O IAS B 120 11.26 10.56 -28.50
CB IAS B 120 9.42 8.81 -30.01
CG IAS B 120 8.13 9.58 -30.05
OD1 IAS B 120 7.71 10.27 -29.05
OXT IAS B 120 9.96 10.09 -26.69
N GLY B 121 7.39 9.86 -31.23
CA GLY B 121 6.18 10.63 -31.54
C GLY B 121 5.02 9.77 -31.99
N TYR B 122 4.21 10.36 -32.83
CA TYR B 122 2.84 9.86 -33.10
C TYR B 122 2.73 9.18 -34.45
N SER B 123 3.86 8.91 -35.12
N SER B 123 3.88 8.79 -35.01
CA SER B 123 3.75 8.14 -36.38
CA SER B 123 3.87 7.97 -36.24
C SER B 123 3.00 6.83 -36.07
C SER B 123 2.98 6.75 -36.01
N GLY B 124 2.04 6.52 -36.92
CA GLY B 124 1.24 5.29 -36.81
C GLY B 124 0.00 5.52 -35.98
N TYR B 125 -0.13 6.68 -35.37
CA TYR B 125 -1.37 6.94 -34.57
C TYR B 125 -2.43 7.52 -35.51
N THR B 126 -3.71 7.25 -35.26
CA THR B 126 -4.80 7.89 -36.00
C THR B 126 -4.65 9.41 -35.87
N PHE B 127 -4.48 9.88 -34.66
CA PHE B 127 -4.23 11.30 -34.37
C PHE B 127 -2.72 11.46 -34.39
N GLY B 128 -2.20 11.83 -35.58
CA GLY B 128 -0.84 11.55 -36.03
C GLY B 128 0.15 12.64 -35.70
N ASP B 129 -0.17 13.64 -34.92
CA ASP B 129 0.81 14.66 -34.52
C ASP B 129 0.38 15.37 -33.25
N ALA B 130 1.30 16.02 -32.56
CA ALA B 130 1.04 16.58 -31.24
C ALA B 130 -0.05 17.64 -31.28
N SER B 131 -0.28 18.30 -32.42
CA SER B 131 -1.26 19.40 -32.44
C SER B 131 -2.70 18.90 -32.33
N LEU B 132 -2.87 17.59 -32.46
CA LEU B 132 -4.21 16.97 -32.36
C LEU B 132 -4.54 16.55 -30.94
N TYR B 133 -3.62 16.77 -30.01
CA TYR B 133 -3.80 16.49 -28.58
C TYR B 133 -3.76 17.79 -27.80
N HIS B 134 -4.47 17.84 -26.69
CA HIS B 134 -4.31 18.93 -25.72
C HIS B 134 -2.85 18.99 -25.27
N PRO B 135 -2.37 20.18 -24.90
CA PRO B 135 -1.08 20.31 -24.27
C PRO B 135 -0.99 19.46 -23.01
N LYS B 136 0.15 18.85 -22.80
CA LYS B 136 0.44 17.99 -21.65
C LYS B 136 0.31 18.78 -20.36
N CYS B 137 -0.47 18.21 -19.44
CA CYS B 137 -0.59 18.77 -18.06
C CYS B 137 -1.11 17.69 -17.16
N THR B 138 -0.90 17.88 -15.87
CA THR B 138 -1.37 16.90 -14.86
C THR B 138 -2.73 17.37 -14.35
N ILE B 139 -3.58 16.41 -14.06
CA ILE B 139 -4.96 16.69 -13.64
C ILE B 139 -5.03 17.14 -12.20
N ASP B 140 -5.61 18.25 -11.96
CA ASP B 140 -6.12 18.72 -10.66
C ASP B 140 -7.53 18.20 -10.49
N TYR B 141 -7.73 17.17 -9.68
N TYR B 141 -7.73 17.25 -9.60
CA TYR B 141 -9.05 16.50 -9.56
CA TYR B 141 -9.02 16.54 -9.48
C TYR B 141 -10.05 17.35 -8.75
C TYR B 141 -10.10 17.42 -8.85
N ASN B 142 -9.73 18.60 -8.39
CA ASN B 142 -10.73 19.55 -7.87
C ASN B 142 -11.30 20.39 -9.03
N ASP B 143 -10.72 20.31 -10.22
CA ASP B 143 -11.01 21.31 -11.30
C ASP B 143 -11.54 20.54 -12.50
N GLN B 144 -12.81 20.66 -12.85
CA GLN B 144 -13.42 19.86 -13.92
C GLN B 144 -12.76 20.23 -15.26
N THR B 145 -12.32 21.47 -15.48
CA THR B 145 -11.63 21.80 -16.72
C THR B 145 -10.31 21.00 -16.81
N SER B 146 -9.62 20.87 -15.68
CA SER B 146 -8.35 20.10 -15.60
C SER B 146 -8.60 18.62 -15.89
N ILE B 147 -9.66 18.10 -15.30
CA ILE B 147 -10.05 16.70 -15.50
C ILE B 147 -10.28 16.46 -16.99
N GLU B 148 -10.89 17.40 -17.70
CA GLU B 148 -11.22 17.23 -19.13
C GLU B 148 -10.01 17.57 -20.05
N GLN B 149 -9.19 18.54 -19.69
CA GLN B 149 -8.16 19.04 -20.64
C GLN B 149 -6.81 18.42 -20.41
N CYS B 150 -6.52 17.89 -19.24
CA CYS B 150 -5.18 17.37 -18.88
C CYS B 150 -5.11 15.88 -19.10
N TRP B 151 -3.90 15.32 -18.93
CA TRP B 151 -3.59 13.95 -19.38
C TRP B 151 -3.81 12.93 -18.29
N VAL B 152 -4.65 11.95 -18.55
CA VAL B 152 -4.85 10.86 -17.62
C VAL B 152 -3.54 10.18 -17.28
N ALA B 153 -3.38 9.90 -16.00
CA ALA B 153 -2.15 9.23 -15.48
C ALA B 153 -0.89 10.02 -15.89
N ASP B 154 -0.98 11.36 -16.16
CA ASP B 154 0.15 12.20 -16.59
CA ASP B 154 -0.03 12.37 -16.78
C ASP B 154 0.78 11.73 -17.91
N GLU B 155 0.30 10.72 -18.62
N GLU B 155 0.28 10.68 -18.57
CA GLU B 155 1.06 10.32 -19.83
CA GLU B 155 1.03 10.00 -19.64
C GLU B 155 0.17 9.76 -20.94
C GLU B 155 0.18 9.75 -20.89
N LEU B 156 -1.16 9.69 -20.77
CA LEU B 156 -1.99 9.27 -21.88
C LEU B 156 -2.34 10.50 -22.73
N PRO B 157 -1.81 10.60 -23.97
CA PRO B 157 -2.10 11.79 -24.78
C PRO B 157 -3.60 12.08 -24.92
N ASP B 158 -3.95 13.26 -24.49
CA ASP B 158 -5.38 13.61 -24.33
C ASP B 158 -5.88 14.19 -25.67
N ILE B 159 -6.69 13.43 -26.42
CA ILE B 159 -7.14 13.89 -27.76
C ILE B 159 -7.84 15.21 -27.60
N ASP B 160 -7.60 16.10 -28.56
CA ASP B 160 -8.30 17.39 -28.57
C ASP B 160 -9.71 17.26 -29.11
N THR B 161 -10.61 16.99 -28.18
CA THR B 161 -12.04 16.79 -28.44
C THR B 161 -12.75 18.12 -28.70
N GLU B 162 -12.04 19.22 -28.77
CA GLU B 162 -12.70 20.50 -29.14
C GLU B 162 -12.23 20.86 -30.55
N ASN B 163 -11.48 19.99 -31.21
CA ASN B 163 -11.13 20.09 -32.64
C ASN B 163 -12.21 19.33 -33.40
N SER B 164 -13.01 20.03 -34.20
CA SER B 164 -14.18 19.41 -34.83
C SER B 164 -13.81 18.29 -35.83
N ASP B 165 -12.65 18.37 -36.47
CA ASP B 165 -12.17 17.26 -37.27
C ASP B 165 -12.01 16.03 -36.35
N ASN B 166 -11.42 16.21 -35.21
CA ASN B 166 -11.20 15.07 -34.30
C ASN B 166 -12.53 14.51 -33.85
N VAL B 167 -13.49 15.37 -33.55
CA VAL B 167 -14.83 14.87 -33.13
C VAL B 167 -15.40 14.00 -34.24
N ALA B 168 -15.35 14.50 -35.46
CA ALA B 168 -15.91 13.71 -36.59
C ALA B 168 -15.23 12.34 -36.69
N ILE B 169 -13.93 12.28 -36.54
CA ILE B 169 -13.16 11.01 -36.61
C ILE B 169 -13.63 10.10 -35.44
N LEU B 170 -13.67 10.64 -34.23
CA LEU B 170 -14.08 9.79 -33.08
C LEU B 170 -15.49 9.26 -33.29
N ASN B 171 -16.41 10.06 -33.78
CA ASN B 171 -17.77 9.55 -34.06
C ASN B 171 -17.67 8.45 -35.13
N ASP B 172 -16.90 8.67 -36.18
CA ASP B 172 -16.72 7.68 -37.26
C ASP B 172 -16.19 6.37 -36.70
N ILE B 173 -15.20 6.44 -35.82
CA ILE B 173 -14.60 5.22 -35.22
C ILE B 173 -15.69 4.41 -34.52
N VAL B 174 -16.45 5.01 -33.67
CA VAL B 174 -17.38 4.21 -32.83
C VAL B 174 -18.53 3.71 -33.72
N SER B 175 -19.03 4.57 -34.63
CA SER B 175 -20.05 4.12 -35.63
C SER B 175 -19.52 2.90 -36.36
N GLY B 176 -18.26 2.94 -36.78
CA GLY B 176 -17.74 1.83 -37.58
C GLY B 176 -17.52 0.59 -36.76
N TRP B 177 -17.03 0.71 -35.51
CA TRP B 177 -16.91 -0.51 -34.67
C TRP B 177 -18.27 -1.17 -34.50
N VAL B 178 -19.26 -0.38 -34.11
CA VAL B 178 -20.58 -0.95 -33.78
C VAL B 178 -21.20 -1.55 -35.03
N GLY B 179 -21.18 -0.81 -36.13
CA GLY B 179 -21.88 -1.25 -37.34
C GLY B 179 -21.10 -2.33 -38.04
N ASN B 180 -19.77 -2.29 -38.05
CA ASN B 180 -18.97 -3.31 -38.79
C ASN B 180 -19.08 -4.69 -38.10
N TYR B 181 -19.17 -4.72 -36.76
CA TYR B 181 -19.15 -5.95 -35.97
C TYR B 181 -20.49 -6.28 -35.33
N SER B 182 -21.53 -5.47 -35.47
CA SER B 182 -22.86 -5.74 -34.88
C SER B 182 -22.75 -5.89 -33.36
N PHE B 183 -21.96 -5.05 -32.68
CA PHE B 183 -22.00 -5.02 -31.21
C PHE B 183 -23.36 -4.54 -30.74
N ASP B 184 -23.83 -5.04 -29.58
CA ASP B 184 -25.17 -4.76 -29.07
C ASP B 184 -25.22 -3.54 -28.14
N GLY B 185 -24.05 -3.18 -27.63
CA GLY B 185 -23.94 -2.06 -26.70
C GLY B 185 -22.48 -1.66 -26.58
N ILE B 186 -22.25 -0.55 -25.90
CA ILE B 186 -20.86 -0.12 -25.61
C ILE B 186 -20.74 0.28 -24.14
N ARG B 187 -19.53 0.05 -23.60
CA ARG B 187 -19.16 0.57 -22.30
C ARG B 187 -18.17 1.70 -22.64
N ILE B 188 -18.46 2.91 -22.19
CA ILE B 188 -17.63 4.09 -22.54
C ILE B 188 -16.65 4.34 -21.42
N ASP B 189 -15.37 4.28 -21.75
CA ASP B 189 -14.30 4.61 -20.82
C ASP B 189 -14.23 6.11 -20.55
N THR B 190 -13.66 6.48 -19.42
CA THR B 190 -13.13 7.83 -19.13
C THR B 190 -14.13 8.90 -19.49
N VAL B 191 -15.41 8.70 -19.15
CA VAL B 191 -16.44 9.70 -19.55
C VAL B 191 -16.18 11.06 -18.88
N LYS B 192 -15.75 11.14 -17.64
CA LYS B 192 -15.61 12.45 -16.95
C LYS B 192 -14.47 13.26 -17.56
N HIS B 193 -13.64 12.66 -18.42
CA HIS B 193 -12.44 13.33 -19.02
C HIS B 193 -12.73 14.00 -20.35
N ILE B 194 -13.98 14.03 -20.80
CA ILE B 194 -14.43 14.84 -21.95
C ILE B 194 -15.67 15.59 -21.56
N ARG B 195 -15.79 16.83 -21.98
CA ARG B 195 -16.97 17.68 -21.79
C ARG B 195 -18.24 16.90 -22.11
N LYS B 196 -19.24 17.13 -21.24
CA LYS B 196 -20.49 16.36 -21.31
C LYS B 196 -21.12 16.39 -22.70
N ASP B 197 -21.16 17.55 -23.34
N ASP B 197 -21.14 17.57 -23.35
CA ASP B 197 -21.99 17.64 -24.55
CA ASP B 197 -21.85 17.81 -24.63
C ASP B 197 -21.38 16.79 -25.68
C ASP B 197 -21.25 17.04 -25.80
N PHE B 198 -20.08 16.45 -25.64
CA PHE B 198 -19.46 15.57 -26.64
C PHE B 198 -20.17 14.23 -26.69
N TRP B 199 -20.63 13.76 -25.52
CA TRP B 199 -21.15 12.38 -25.42
C TRP B 199 -22.51 12.15 -26.11
N THR B 200 -23.35 13.16 -26.31
N THR B 200 -23.29 13.22 -26.25
CA THR B 200 -24.60 12.92 -27.04
CA THR B 200 -24.55 13.15 -26.99
C THR B 200 -24.30 12.56 -28.51
C THR B 200 -24.31 12.65 -28.42
N GLY B 201 -23.43 13.32 -29.15
CA GLY B 201 -23.12 12.98 -30.53
C GLY B 201 -22.42 11.64 -30.64
N TYR B 202 -21.58 11.33 -29.66
CA TYR B 202 -20.80 10.09 -29.73
C TYR B 202 -21.72 8.88 -29.54
N ALA B 203 -22.61 8.94 -28.57
CA ALA B 203 -23.54 7.83 -28.33
C ALA B 203 -24.53 7.73 -29.51
N GLU B 204 -24.90 8.86 -30.09
CA GLU B 204 -25.81 8.80 -31.28
C GLU B 204 -25.06 8.10 -32.43
N ALA B 205 -23.78 8.41 -32.63
CA ALA B 205 -22.93 7.78 -33.66
C ALA B 205 -22.90 6.28 -33.42
N ALA B 206 -22.73 5.86 -32.16
CA ALA B 206 -22.64 4.43 -31.84
C ALA B 206 -23.97 3.74 -32.20
N GLY B 207 -25.09 4.38 -31.89
CA GLY B 207 -26.42 3.89 -32.26
C GLY B 207 -26.91 2.71 -31.45
N VAL B 208 -26.25 2.39 -30.33
CA VAL B 208 -26.62 1.31 -29.40
C VAL B 208 -26.52 1.84 -27.98
N PHE B 209 -27.16 1.15 -27.06
CA PHE B 209 -27.06 1.40 -25.62
C PHE B 209 -25.61 1.57 -25.21
N ALA B 210 -25.39 2.61 -24.41
CA ALA B 210 -24.07 2.93 -23.84
C ALA B 210 -24.21 3.02 -22.30
N THR B 211 -23.28 2.38 -21.62
CA THR B 211 -23.11 2.54 -20.17
C THR B 211 -21.76 3.27 -19.97
N GLY B 212 -21.80 4.44 -19.36
CA GLY B 212 -20.61 5.31 -19.22
C GLY B 212 -19.87 5.08 -17.92
N GLU B 213 -18.54 5.02 -17.98
CA GLU B 213 -17.71 4.98 -16.77
C GLU B 213 -17.42 6.40 -16.33
N VAL B 214 -18.12 6.92 -15.36
CA VAL B 214 -17.81 8.16 -14.65
C VAL B 214 -17.24 7.73 -13.31
N PHE B 215 -15.94 7.73 -13.15
N PHE B 215 -15.94 7.77 -13.19
CA PHE B 215 -15.23 7.17 -12.01
CA PHE B 215 -15.19 7.25 -12.04
C PHE B 215 -15.27 8.21 -10.87
C PHE B 215 -15.27 8.24 -10.88
N ASN B 216 -16.38 8.17 -10.14
CA ASN B 216 -16.68 9.13 -9.05
C ASN B 216 -17.75 8.50 -8.19
N GLY B 217 -17.65 8.62 -6.86
CA GLY B 217 -18.64 8.00 -5.98
C GLY B 217 -19.83 8.87 -5.63
N ASP B 218 -19.87 10.10 -6.10
CA ASP B 218 -20.91 11.03 -5.66
C ASP B 218 -22.07 11.06 -6.64
N PRO B 219 -23.28 10.67 -6.24
CA PRO B 219 -24.42 10.74 -7.19
C PRO B 219 -24.59 12.13 -7.80
N ALA B 220 -24.33 13.20 -7.04
CA ALA B 220 -24.53 14.57 -7.57
C ALA B 220 -23.52 14.88 -8.68
N TYR B 221 -22.44 14.14 -8.77
CA TYR B 221 -21.45 14.28 -9.86
C TYR B 221 -21.81 13.35 -11.01
N VAL B 222 -22.16 12.10 -10.69
CA VAL B 222 -22.41 11.09 -11.74
C VAL B 222 -23.77 11.29 -12.41
N GLY B 223 -24.79 11.54 -11.59
CA GLY B 223 -26.18 11.62 -12.07
C GLY B 223 -26.42 12.53 -13.25
N PRO B 224 -25.83 13.75 -13.23
CA PRO B 224 -26.08 14.68 -14.33
C PRO B 224 -25.64 14.14 -15.70
N TYR B 225 -24.71 13.18 -15.70
CA TYR B 225 -24.27 12.58 -16.98
C TYR B 225 -25.40 11.82 -17.67
N GLN B 226 -26.44 11.41 -16.95
CA GLN B 226 -27.54 10.66 -17.61
C GLN B 226 -28.35 11.55 -18.56
N LYS B 227 -28.11 12.85 -18.54
N LYS B 227 -28.11 12.85 -18.56
CA LYS B 227 -28.71 13.72 -19.59
CA LYS B 227 -28.70 13.74 -19.59
C LYS B 227 -28.05 13.41 -20.94
C LYS B 227 -28.04 13.46 -20.94
N TYR B 228 -26.82 12.92 -20.93
CA TYR B 228 -25.94 12.81 -22.10
C TYR B 228 -25.79 11.36 -22.55
N LEU B 229 -25.86 10.42 -21.63
CA LEU B 229 -25.71 8.98 -21.92
C LEU B 229 -26.86 8.24 -21.27
N PRO B 230 -27.34 7.12 -21.84
CA PRO B 230 -28.51 6.50 -21.25
C PRO B 230 -28.28 5.75 -19.94
N SER B 231 -27.05 5.34 -19.67
CA SER B 231 -26.67 4.57 -18.49
C SER B 231 -25.30 5.03 -18.05
N LEU B 232 -25.09 4.88 -16.74
CA LEU B 232 -23.76 5.06 -16.15
C LEU B 232 -23.48 3.84 -15.30
N ILE B 233 -22.23 3.53 -15.12
CA ILE B 233 -21.74 2.51 -14.19
C ILE B 233 -22.01 3.05 -12.81
N ASN B 234 -22.54 2.20 -11.94
CA ASN B 234 -23.06 2.64 -10.63
C ASN B 234 -21.96 2.69 -9.58
N TYR B 235 -20.98 3.58 -9.80
CA TYR B 235 -19.89 3.77 -8.86
C TYR B 235 -20.42 4.22 -7.49
N PRO B 236 -21.47 5.05 -7.35
CA PRO B 236 -21.95 5.36 -6.02
C PRO B 236 -22.40 4.16 -5.22
N MET B 237 -23.08 3.22 -5.86
CA MET B 237 -23.51 1.99 -5.14
C MET B 237 -22.35 1.06 -4.87
N TYR B 238 -21.33 1.07 -5.71
CA TYR B 238 -20.10 0.28 -5.46
C TYR B 238 -19.53 0.63 -4.08
N TYR B 239 -19.40 1.94 -3.78
CA TYR B 239 -18.80 2.33 -2.48
C TYR B 239 -19.73 1.92 -1.34
N ALA B 240 -21.04 2.02 -1.51
CA ALA B 240 -22.00 1.62 -0.46
C ALA B 240 -21.88 0.13 -0.18
N LEU B 241 -21.83 -0.70 -1.24
CA LEU B 241 -21.70 -2.14 -1.12
C LEU B 241 -20.41 -2.47 -0.41
N ASN B 242 -19.33 -1.73 -0.71
CA ASN B 242 -18.04 -2.06 -0.09
C ASN B 242 -18.10 -1.66 1.39
N ASP B 243 -18.76 -0.60 1.73
CA ASP B 243 -18.86 -0.21 3.15
C ASP B 243 -19.66 -1.27 3.94
N VAL B 244 -20.71 -1.87 3.40
CA VAL B 244 -21.53 -2.85 4.12
C VAL B 244 -20.80 -4.18 4.17
N PHE B 245 -20.25 -4.64 3.04
CA PHE B 245 -19.85 -6.04 2.87
C PHE B 245 -18.35 -6.26 2.99
N VAL B 246 -17.54 -5.24 2.74
CA VAL B 246 -16.07 -5.45 2.70
C VAL B 246 -15.45 -4.88 3.97
N SER B 247 -15.53 -3.58 4.18
CA SER B 247 -15.01 -2.93 5.42
C SER B 247 -15.98 -3.14 6.57
N LYS B 248 -17.28 -3.39 6.33
CA LYS B 248 -18.33 -3.47 7.38
C LYS B 248 -18.23 -2.21 8.24
N SER B 249 -18.05 -1.06 7.61
CA SER B 249 -17.92 0.27 8.27
C SER B 249 -19.30 0.94 8.39
N LYS B 250 -20.29 0.44 7.65
CA LYS B 250 -21.69 0.93 7.70
C LYS B 250 -22.64 -0.25 7.71
N GLY B 251 -23.83 -0.06 8.23
CA GLY B 251 -24.88 -1.03 8.06
C GLY B 251 -25.71 -0.74 6.83
N PHE B 252 -26.80 -1.49 6.66
CA PHE B 252 -27.58 -1.45 5.42
C PHE B 252 -28.32 -0.16 5.20
N SER B 253 -28.40 0.74 6.19
CA SER B 253 -28.90 2.10 5.95
C SER B 253 -28.08 2.75 4.87
N ARG B 254 -26.83 2.44 4.75
CA ARG B 254 -25.97 3.05 3.70
C ARG B 254 -26.49 2.69 2.34
N ILE B 255 -26.94 1.46 2.13
CA ILE B 255 -27.45 1.02 0.83
C ILE B 255 -28.80 1.69 0.58
N SER B 256 -29.70 1.73 1.54
CA SER B 256 -30.98 2.44 1.46
C SER B 256 -30.73 3.90 1.07
N GLU B 257 -29.88 4.54 1.81
CA GLU B 257 -29.59 5.95 1.54
C GLU B 257 -29.07 6.12 0.13
N MET B 258 -28.18 5.28 -0.30
CA MET B 258 -27.61 5.38 -1.66
C MET B 258 -28.68 5.17 -2.73
N LEU B 259 -29.66 4.30 -2.51
CA LEU B 259 -30.76 4.12 -3.45
C LEU B 259 -31.50 5.43 -3.51
N GLY B 260 -31.74 6.10 -2.40
CA GLY B 260 -32.50 7.36 -2.48
C GLY B 260 -31.66 8.44 -3.11
N SER B 261 -30.38 8.53 -2.82
CA SER B 261 -29.51 9.53 -3.44
C SER B 261 -29.51 9.31 -4.96
N ASN B 262 -29.42 8.08 -5.41
CA ASN B 262 -29.43 7.80 -6.85
C ASN B 262 -30.78 8.16 -7.45
N ARG B 263 -31.86 7.87 -6.77
CA ARG B 263 -33.21 8.23 -7.29
C ARG B 263 -33.25 9.75 -7.51
N ASN B 264 -32.65 10.49 -6.63
CA ASN B 264 -32.69 11.98 -6.73
C ASN B 264 -31.68 12.54 -7.71
N ALA B 265 -30.72 11.78 -8.18
CA ALA B 265 -29.64 12.31 -9.03
C ALA B 265 -29.77 11.81 -10.46
N PHE B 266 -30.37 10.69 -10.72
CA PHE B 266 -30.46 10.02 -12.03
C PHE B 266 -31.88 10.10 -12.57
N GLU B 267 -32.05 10.19 -13.87
CA GLU B 267 -33.41 10.12 -14.44
CA GLU B 267 -33.34 10.11 -14.59
C GLU B 267 -33.93 8.69 -14.51
N ASP B 268 -33.08 7.67 -14.55
CA ASP B 268 -33.55 6.28 -14.63
C ASP B 268 -32.54 5.39 -13.95
N THR B 269 -32.81 4.99 -12.71
CA THR B 269 -31.91 4.16 -11.96
C THR B 269 -31.90 2.73 -12.45
N SER B 270 -32.94 2.30 -13.10
CA SER B 270 -33.11 0.88 -13.47
C SER B 270 -32.09 0.41 -14.50
N VAL B 271 -31.49 1.35 -15.24
CA VAL B 271 -30.55 0.99 -16.32
C VAL B 271 -29.11 1.28 -15.89
N LEU B 272 -28.86 1.75 -14.68
CA LEU B 272 -27.47 1.90 -14.19
C LEU B 272 -26.86 0.53 -13.95
N THR B 273 -25.58 0.39 -14.21
CA THR B 273 -24.94 -0.96 -14.14
C THR B 273 -24.28 -1.19 -12.77
N THR B 274 -24.73 -2.23 -12.10
CA THR B 274 -24.40 -2.53 -10.71
C THR B 274 -23.18 -3.45 -10.67
N PHE B 275 -22.24 -3.19 -9.76
CA PHE B 275 -21.08 -4.06 -9.59
C PHE B 275 -20.49 -3.92 -8.21
N VAL B 276 -19.71 -4.90 -7.84
CA VAL B 276 -18.99 -4.87 -6.56
C VAL B 276 -17.49 -4.92 -6.72
N ASP B 277 -17.00 -5.30 -7.89
CA ASP B 277 -15.56 -5.12 -8.19
C ASP B 277 -15.40 -5.14 -9.70
N ASN B 278 -14.21 -4.74 -10.20
CA ASN B 278 -13.92 -4.54 -11.61
C ASN B 278 -12.41 -4.49 -11.80
N HIS B 279 -11.95 -4.25 -13.02
CA HIS B 279 -10.52 -4.32 -13.36
C HIS B 279 -9.73 -3.13 -12.80
N ASP B 280 -10.37 -2.10 -12.25
CA ASP B 280 -9.67 -0.88 -11.76
C ASP B 280 -9.49 -0.90 -10.26
N ASN B 281 -10.09 -1.85 -9.56
CA ASN B 281 -10.11 -1.83 -8.10
C ASN B 281 -9.72 -3.19 -7.61
N PRO B 282 -9.16 -3.28 -6.39
CA PRO B 282 -8.85 -4.61 -5.81
C PRO B 282 -10.06 -5.54 -5.81
N ARG B 283 -9.86 -6.83 -6.05
CA ARG B 283 -11.00 -7.78 -5.97
C ARG B 283 -11.62 -7.67 -4.59
N PHE B 284 -12.91 -7.98 -4.50
CA PHE B 284 -13.62 -8.08 -3.22
C PHE B 284 -12.82 -8.96 -2.25
N LEU B 285 -12.41 -10.15 -2.72
CA LEU B 285 -11.81 -11.17 -1.84
C LEU B 285 -10.40 -10.77 -1.44
N ASN B 286 -9.83 -9.74 -2.04
CA ASN B 286 -8.51 -9.25 -1.60
C ASN B 286 -8.63 -8.70 -0.18
N SER B 287 -9.59 -7.82 0.08
CA SER B 287 -9.78 -7.09 1.36
C SER B 287 -10.73 -7.84 2.29
N GLN B 288 -11.61 -8.67 1.75
CA GLN B 288 -12.63 -9.36 2.54
C GLN B 288 -12.64 -10.79 2.05
N SER B 289 -11.92 -11.68 2.69
CA SER B 289 -11.83 -13.08 2.22
C SER B 289 -13.09 -13.88 2.58
N ASP B 290 -14.04 -13.37 3.39
CA ASP B 290 -15.21 -14.19 3.79
C ASP B 290 -16.11 -14.38 2.56
N LYS B 291 -16.24 -15.60 2.05
CA LYS B 291 -17.04 -15.83 0.84
C LYS B 291 -18.53 -15.72 1.16
N ALA B 292 -19.02 -15.81 2.39
CA ALA B 292 -20.46 -15.58 2.64
C ALA B 292 -20.76 -14.09 2.42
N LEU B 293 -19.86 -13.20 2.83
CA LEU B 293 -20.03 -11.76 2.54
C LEU B 293 -20.00 -11.57 1.03
N PHE B 294 -19.09 -12.21 0.31
CA PHE B 294 -19.06 -12.04 -1.14
C PHE B 294 -20.34 -12.52 -1.77
N LYS B 295 -20.90 -13.64 -1.30
CA LYS B 295 -22.17 -14.18 -1.86
C LYS B 295 -23.30 -13.18 -1.66
N ASN B 296 -23.36 -12.58 -0.48
CA ASN B 296 -24.41 -11.57 -0.22
C ASN B 296 -24.25 -10.39 -1.18
N ALA B 297 -23.02 -9.93 -1.38
CA ALA B 297 -22.78 -8.78 -2.27
C ALA B 297 -23.14 -9.16 -3.70
N LEU B 298 -22.78 -10.34 -4.15
CA LEU B 298 -23.13 -10.79 -5.52
C LEU B 298 -24.65 -10.92 -5.71
N THR B 299 -25.34 -11.27 -4.63
CA THR B 299 -26.83 -11.39 -4.71
C THR B 299 -27.43 -10.01 -4.92
N TYR B 300 -26.87 -9.01 -4.25
CA TYR B 300 -27.29 -7.63 -4.51
C TYR B 300 -27.03 -7.27 -5.96
N VAL B 301 -25.80 -7.51 -6.41
CA VAL B 301 -25.46 -7.12 -7.81
C VAL B 301 -26.41 -7.84 -8.78
N LEU B 302 -26.71 -9.11 -8.64
CA LEU B 302 -27.48 -9.87 -9.64
C LEU B 302 -28.96 -9.63 -9.55
N LEU B 303 -29.49 -9.32 -8.35
CA LEU B 303 -30.98 -9.24 -8.16
C LEU B 303 -31.45 -7.87 -7.77
N GLY B 304 -30.58 -7.00 -7.27
CA GLY B 304 -30.99 -5.65 -6.83
C GLY B 304 -31.20 -4.72 -8.03
N GLU B 305 -31.67 -3.54 -7.78
CA GLU B 305 -31.97 -2.50 -8.79
CA GLU B 305 -31.97 -2.49 -8.79
C GLU B 305 -30.76 -2.29 -9.71
N GLY B 306 -31.02 -2.33 -10.99
CA GLY B 306 -30.00 -2.06 -12.00
C GLY B 306 -29.77 -3.19 -12.98
N ILE B 307 -28.75 -3.04 -13.78
CA ILE B 307 -28.28 -4.08 -14.71
C ILE B 307 -27.01 -4.65 -14.14
N PRO B 308 -26.96 -5.94 -13.81
CA PRO B 308 -25.78 -6.48 -13.15
C PRO B 308 -24.58 -6.55 -14.06
N ILE B 309 -23.41 -6.38 -13.44
CA ILE B 309 -22.10 -6.72 -14.05
C ILE B 309 -21.30 -7.52 -13.04
N VAL B 310 -20.85 -8.70 -13.39
CA VAL B 310 -19.94 -9.51 -12.55
C VAL B 310 -18.58 -9.60 -13.26
N TYR B 311 -17.53 -9.43 -12.51
CA TYR B 311 -16.15 -9.39 -13.06
C TYR B 311 -15.60 -10.80 -13.16
N TYR B 312 -15.07 -11.15 -14.31
CA TYR B 312 -14.58 -12.51 -14.60
C TYR B 312 -13.63 -12.95 -13.48
N GLY B 313 -13.73 -14.23 -13.10
CA GLY B 313 -12.89 -14.72 -12.02
C GLY B 313 -13.55 -14.63 -10.66
N SER B 314 -14.58 -13.81 -10.48
CA SER B 314 -15.37 -13.83 -9.23
C SER B 314 -15.82 -15.26 -8.92
N GLU B 315 -16.26 -15.97 -9.98
CA GLU B 315 -16.78 -17.36 -9.85
C GLU B 315 -15.69 -18.38 -9.52
N GLN B 316 -14.41 -18.01 -9.56
CA GLN B 316 -13.34 -18.92 -9.13
C GLN B 316 -12.63 -18.32 -7.91
N GLY B 317 -13.25 -17.37 -7.21
CA GLY B 317 -12.62 -16.89 -5.97
C GLY B 317 -11.33 -16.11 -6.15
N PHE B 318 -11.19 -15.41 -7.26
CA PHE B 318 -9.93 -14.65 -7.45
C PHE B 318 -9.85 -13.53 -6.42
N SER B 319 -8.62 -13.26 -5.98
CA SER B 319 -8.42 -12.39 -4.80
C SER B 319 -7.26 -11.41 -4.98
N GLY B 320 -6.85 -11.12 -6.20
CA GLY B 320 -5.78 -10.17 -6.46
C GLY B 320 -6.13 -8.76 -6.06
N GLY B 321 -5.11 -7.97 -5.76
CA GLY B 321 -5.27 -6.59 -5.26
C GLY B 321 -5.14 -5.55 -6.32
N ALA B 322 -4.17 -4.66 -6.15
CA ALA B 322 -4.05 -3.49 -7.04
C ALA B 322 -3.66 -3.94 -8.45
N ASP B 323 -4.21 -3.22 -9.45
CA ASP B 323 -3.87 -3.42 -10.86
C ASP B 323 -2.38 -3.64 -11.02
N PRO B 324 -1.89 -4.71 -11.65
CA PRO B 324 -2.64 -5.69 -12.46
C PRO B 324 -2.96 -7.02 -11.77
N ALA B 325 -2.75 -7.06 -10.46
CA ALA B 325 -2.91 -8.31 -9.68
C ALA B 325 -4.35 -8.82 -9.70
N ASN B 326 -5.29 -7.90 -9.94
CA ASN B 326 -6.73 -8.21 -10.07
C ASN B 326 -7.08 -8.57 -11.50
N ARG B 327 -6.11 -8.77 -12.37
CA ARG B 327 -6.33 -9.15 -13.79
C ARG B 327 -5.64 -10.49 -14.07
N GLU B 328 -5.88 -11.42 -13.17
CA GLU B 328 -5.34 -12.77 -13.26
C GLU B 328 -5.87 -13.49 -14.50
N VAL B 329 -5.11 -14.46 -14.98
CA VAL B 329 -5.55 -15.31 -16.11
C VAL B 329 -6.56 -16.34 -15.58
N LEU B 330 -7.62 -16.52 -16.33
CA LEU B 330 -8.67 -17.45 -15.88
C LEU B 330 -8.27 -18.90 -16.08
N TRP B 331 -7.45 -19.18 -17.07
CA TRP B 331 -7.20 -20.59 -17.49
C TRP B 331 -6.48 -21.40 -16.43
N THR B 332 -5.88 -20.81 -15.42
CA THR B 332 -5.25 -21.63 -14.34
C THR B 332 -6.32 -22.45 -13.64
N THR B 333 -7.58 -22.05 -13.71
CA THR B 333 -8.70 -22.72 -13.04
C THR B 333 -9.24 -23.88 -13.88
N ASN B 334 -8.84 -24.01 -15.12
CA ASN B 334 -9.41 -24.98 -16.10
C ASN B 334 -10.93 -24.81 -16.19
N TYR B 335 -11.49 -23.61 -15.96
CA TYR B 335 -12.92 -23.34 -16.25
C TYR B 335 -13.76 -24.31 -15.43
N ASP B 336 -13.43 -24.44 -14.16
CA ASP B 336 -14.12 -25.44 -13.32
C ASP B 336 -15.56 -25.00 -13.04
N THR B 337 -16.56 -25.68 -13.61
CA THR B 337 -17.99 -25.34 -13.42
C THR B 337 -18.47 -25.93 -12.10
N SER B 338 -17.67 -26.74 -11.43
CA SER B 338 -18.06 -27.32 -10.12
C SER B 338 -17.70 -26.39 -8.96
N SER B 339 -17.00 -25.27 -9.24
N SER B 339 -17.03 -25.27 -9.24
CA SER B 339 -16.52 -24.35 -8.19
CA SER B 339 -16.56 -24.41 -8.14
C SER B 339 -17.73 -23.84 -7.39
C SER B 339 -17.77 -23.89 -7.37
N ASP B 340 -17.57 -23.70 -6.09
CA ASP B 340 -18.67 -23.26 -5.21
C ASP B 340 -19.23 -21.93 -5.72
N LEU B 341 -18.37 -20.95 -6.03
CA LEU B 341 -18.94 -19.64 -6.43
C LEU B 341 -19.59 -19.68 -7.82
N TYR B 342 -19.11 -20.55 -8.71
CA TYR B 342 -19.73 -20.76 -10.05
C TYR B 342 -21.19 -21.23 -9.84
N GLN B 343 -21.30 -22.30 -9.08
CA GLN B 343 -22.62 -22.88 -8.78
C GLN B 343 -23.53 -21.93 -8.01
N PHE B 344 -22.96 -21.09 -7.15
CA PHE B 344 -23.73 -20.06 -6.42
C PHE B 344 -24.30 -19.05 -7.40
N ILE B 345 -23.41 -18.56 -8.26
CA ILE B 345 -23.83 -17.54 -9.27
C ILE B 345 -24.91 -18.14 -10.18
N LYS B 346 -24.68 -19.37 -10.61
CA LYS B 346 -25.69 -20.08 -11.43
C LYS B 346 -27.07 -20.13 -10.71
N THR B 347 -27.08 -20.44 -9.41
N THR B 347 -27.07 -20.47 -9.41
CA THR B 347 -28.33 -20.48 -8.64
CA THR B 347 -28.29 -20.52 -8.58
C THR B 347 -28.98 -19.11 -8.63
C THR B 347 -28.96 -19.15 -8.61
N VAL B 348 -28.21 -18.08 -8.30
CA VAL B 348 -28.82 -16.73 -8.25
C VAL B 348 -29.36 -16.31 -9.62
N ASN B 349 -28.57 -16.55 -10.66
CA ASN B 349 -29.05 -16.15 -12.02
C ASN B 349 -30.30 -16.95 -12.40
N SER B 350 -30.50 -18.14 -11.84
CA SER B 350 -31.68 -18.99 -12.18
C SER B 350 -32.94 -18.24 -11.72
N VAL B 351 -32.81 -17.45 -10.64
CA VAL B 351 -33.88 -16.60 -10.09
C VAL B 351 -34.09 -15.42 -11.00
N ARG B 352 -32.96 -14.84 -11.40
CA ARG B 352 -32.97 -13.64 -12.21
C ARG B 352 -33.64 -13.90 -13.55
N MET B 353 -33.42 -15.08 -14.13
N MET B 353 -33.38 -15.07 -14.12
CA MET B 353 -33.82 -15.39 -15.53
CA MET B 353 -33.78 -15.39 -15.51
C MET B 353 -35.30 -15.79 -15.61
C MET B 353 -35.31 -15.44 -15.65
N LYS B 354 -36.07 -15.60 -14.55
CA LYS B 354 -37.56 -15.58 -14.62
C LYS B 354 -38.03 -14.27 -15.28
N SER B 355 -39.22 -14.28 -15.90
CA SER B 355 -39.69 -13.13 -16.74
C SER B 355 -40.37 -12.04 -15.89
N ASN B 356 -40.80 -12.31 -14.65
CA ASN B 356 -41.11 -11.26 -13.62
C ASN B 356 -39.74 -10.71 -13.13
N LYS B 357 -39.24 -9.57 -13.63
CA LYS B 357 -37.99 -8.99 -13.09
C LYS B 357 -38.33 -7.71 -12.31
N ALA B 358 -39.58 -7.51 -11.88
CA ALA B 358 -39.94 -6.27 -11.15
C ALA B 358 -39.15 -6.27 -9.83
N VAL B 359 -38.52 -5.16 -9.48
CA VAL B 359 -37.74 -5.10 -8.23
C VAL B 359 -38.39 -4.06 -7.32
N TYR B 360 -38.54 -4.41 -6.02
CA TYR B 360 -38.98 -3.45 -4.98
CA TYR B 360 -39.00 -3.48 -4.97
C TYR B 360 -37.94 -3.47 -3.86
N MET B 361 -37.13 -2.42 -3.82
CA MET B 361 -36.03 -2.32 -2.82
C MET B 361 -36.59 -1.88 -1.45
N ASP B 362 -35.80 -2.09 -0.42
CA ASP B 362 -36.08 -1.54 0.92
C ASP B 362 -37.37 -2.13 1.50
N ILE B 363 -37.64 -3.42 1.33
CA ILE B 363 -38.73 -4.05 2.12
C ILE B 363 -38.32 -3.93 3.58
N TYR B 364 -37.08 -4.19 3.91
CA TYR B 364 -36.57 -4.17 5.27
C TYR B 364 -35.16 -3.59 5.22
N VAL B 365 -34.90 -2.57 6.02
CA VAL B 365 -33.55 -2.00 6.14
C VAL B 365 -33.14 -2.18 7.60
N GLY B 366 -32.38 -3.20 7.91
CA GLY B 366 -31.82 -3.38 9.25
C GLY B 366 -30.44 -2.82 9.31
N ASP B 367 -29.69 -3.19 10.33
CA ASP B 367 -28.28 -2.81 10.49
C ASP B 367 -27.44 -3.86 9.75
N ASN B 368 -27.53 -5.10 10.20
CA ASN B 368 -26.80 -6.25 9.65
C ASN B 368 -27.61 -7.07 8.67
N ALA B 369 -28.85 -6.70 8.39
CA ALA B 369 -29.69 -7.44 7.46
C ALA B 369 -30.61 -6.50 6.68
N TYR B 370 -31.11 -7.03 5.60
CA TYR B 370 -31.80 -6.24 4.57
C TYR B 370 -32.65 -7.19 3.75
N ALA B 371 -33.80 -6.71 3.28
CA ALA B 371 -34.63 -7.49 2.36
C ALA B 371 -35.22 -6.61 1.26
N PHE B 372 -35.43 -7.26 0.12
CA PHE B 372 -36.09 -6.67 -1.03
C PHE B 372 -36.78 -7.74 -1.82
N LYS B 373 -37.59 -7.33 -2.78
CA LYS B 373 -38.30 -8.29 -3.63
C LYS B 373 -37.71 -8.23 -5.03
N HIS B 374 -37.52 -9.36 -5.67
CA HIS B 374 -37.09 -9.48 -7.08
C HIS B 374 -38.05 -10.45 -7.74
N GLY B 375 -38.93 -9.93 -8.57
CA GLY B 375 -40.00 -10.79 -9.10
C GLY B 375 -40.85 -11.36 -7.99
N ASP B 376 -41.00 -12.67 -7.96
CA ASP B 376 -41.82 -13.33 -6.91
C ASP B 376 -40.96 -13.77 -5.72
N ALA B 377 -39.72 -13.35 -5.68
CA ALA B 377 -38.73 -13.81 -4.67
C ALA B 377 -38.49 -12.72 -3.61
N LEU B 378 -38.45 -13.16 -2.37
CA LEU B 378 -38.02 -12.35 -1.20
C LEU B 378 -36.53 -12.62 -0.95
N VAL B 379 -35.74 -11.58 -1.19
CA VAL B 379 -34.26 -11.65 -1.12
C VAL B 379 -33.82 -11.05 0.19
N VAL B 380 -33.09 -11.84 0.99
CA VAL B 380 -32.62 -11.42 2.32
C VAL B 380 -31.09 -11.48 2.33
N LEU B 381 -30.49 -10.33 2.61
CA LEU B 381 -29.03 -10.21 2.69
C LEU B 381 -28.61 -9.93 4.14
N ASN B 382 -27.35 -10.23 4.48
CA ASN B 382 -26.81 -9.87 5.78
C ASN B 382 -25.29 -9.75 5.73
N ASN B 383 -24.75 -9.07 6.72
CA ASN B 383 -23.29 -8.95 6.81
C ASN B 383 -22.71 -9.55 8.08
N TYR B 384 -23.38 -10.56 8.61
CA TYR B 384 -22.80 -11.31 9.75
C TYR B 384 -21.60 -12.16 9.33
N GLY B 385 -21.54 -12.67 8.13
CA GLY B 385 -20.39 -13.46 7.70
C GLY B 385 -20.54 -14.93 7.96
N SER B 386 -19.50 -15.65 7.58
CA SER B 386 -19.44 -17.12 7.63
C SER B 386 -19.64 -17.58 9.07
N GLY B 387 -20.34 -18.69 9.15
CA GLY B 387 -20.62 -19.35 10.42
C GLY B 387 -21.79 -18.74 11.16
N SER B 388 -22.40 -17.65 10.67
CA SER B 388 -23.51 -17.03 11.40
C SER B 388 -24.80 -17.82 11.23
N THR B 389 -25.48 -18.07 12.37
CA THR B 389 -26.85 -18.61 12.44
C THR B 389 -27.75 -17.59 13.11
N ASN B 390 -27.40 -16.30 12.97
CA ASN B 390 -28.22 -15.22 13.57
C ASN B 390 -29.65 -15.28 13.06
N GLN B 391 -30.58 -14.88 13.93
CA GLN B 391 -31.96 -14.65 13.53
C GLN B 391 -32.03 -13.35 12.72
N VAL B 392 -32.88 -13.43 11.72
CA VAL B 392 -33.33 -12.28 10.90
C VAL B 392 -34.83 -12.19 11.04
N SER B 393 -35.36 -10.98 11.29
CA SER B 393 -36.78 -10.83 11.48
C SER B 393 -37.24 -9.48 10.96
N PHE B 394 -38.33 -9.46 10.23
CA PHE B 394 -38.85 -8.21 9.64
C PHE B 394 -40.26 -8.43 9.16
N SER B 395 -41.01 -7.33 9.12
CA SER B 395 -42.36 -7.37 8.53
C SER B 395 -42.35 -7.45 7.01
N VAL B 396 -43.26 -8.26 6.46
CA VAL B 396 -43.63 -8.29 5.02
C VAL B 396 -45.11 -7.97 4.87
N SER B 397 -45.74 -7.35 5.87
CA SER B 397 -47.18 -6.94 5.81
C SER B 397 -47.43 -6.24 4.47
N GLY B 398 -48.52 -6.65 3.81
CA GLY B 398 -48.91 -6.14 2.49
C GLY B 398 -47.97 -6.54 1.36
N LYS B 399 -46.95 -7.40 1.59
CA LYS B 399 -46.01 -7.80 0.49
C LYS B 399 -46.02 -9.32 0.28
N PHE B 400 -46.15 -10.07 1.37
CA PHE B 400 -46.42 -11.52 1.39
C PHE B 400 -47.52 -11.77 2.41
N ASP B 401 -48.43 -12.72 2.13
CA ASP B 401 -49.61 -12.96 2.96
C ASP B 401 -49.16 -13.57 4.26
N SER B 402 -49.90 -13.29 5.33
N SER B 402 -49.87 -13.24 5.34
CA SER B 402 -49.73 -13.96 6.63
CA SER B 402 -49.74 -13.94 6.64
C SER B 402 -50.02 -15.45 6.43
C SER B 402 -49.91 -15.42 6.31
N GLY B 403 -49.20 -16.29 7.05
CA GLY B 403 -49.24 -17.74 6.92
C GLY B 403 -48.60 -18.27 5.65
N ALA B 404 -48.06 -17.45 4.73
CA ALA B 404 -47.43 -17.96 3.50
C ALA B 404 -46.20 -18.83 3.84
N SER B 405 -46.18 -20.02 3.23
N SER B 405 -46.14 -19.99 3.17
CA SER B 405 -45.05 -20.97 3.30
CA SER B 405 -45.07 -21.00 3.30
C SER B 405 -44.02 -20.54 2.27
C SER B 405 -43.99 -20.69 2.26
N LEU B 406 -42.77 -20.37 2.72
CA LEU B 406 -41.62 -19.99 1.86
C LEU B 406 -40.50 -21.02 1.97
N MET B 407 -39.72 -21.08 0.90
CA MET B 407 -38.49 -21.87 0.87
C MET B 407 -37.40 -21.08 0.12
N ASP B 408 -36.23 -21.19 0.71
CA ASP B 408 -34.99 -20.52 0.24
C ASP B 408 -34.22 -21.46 -0.68
N ILE B 409 -33.88 -20.97 -1.86
CA ILE B 409 -33.18 -21.82 -2.86
C ILE B 409 -31.71 -21.97 -2.49
N VAL B 410 -31.11 -21.05 -1.71
CA VAL B 410 -29.65 -21.09 -1.44
C VAL B 410 -29.37 -22.22 -0.46
N SER B 411 -30.06 -22.25 0.69
CA SER B 411 -29.75 -23.21 1.78
C SER B 411 -30.94 -24.09 2.05
N ASN B 412 -32.04 -24.01 1.32
CA ASN B 412 -33.23 -24.86 1.60
C ASN B 412 -33.86 -24.51 2.95
N ILE B 413 -33.67 -23.30 3.46
CA ILE B 413 -34.37 -22.88 4.68
C ILE B 413 -35.85 -22.77 4.37
N THR B 414 -36.68 -23.29 5.28
CA THR B 414 -38.14 -23.15 5.22
C THR B 414 -38.56 -22.19 6.31
N THR B 415 -39.53 -21.33 5.97
CA THR B 415 -40.10 -20.39 6.96
C THR B 415 -41.52 -20.09 6.54
N THR B 416 -42.32 -19.75 7.55
CA THR B 416 -43.73 -19.36 7.35
C THR B 416 -43.96 -17.93 7.86
N VAL B 417 -44.57 -17.13 7.02
CA VAL B 417 -44.87 -15.71 7.40
C VAL B 417 -45.85 -15.81 8.57
N SER B 418 -45.61 -15.09 9.65
CA SER B 418 -46.43 -15.24 10.89
C SER B 418 -47.84 -14.73 10.61
N SER B 419 -48.75 -14.93 11.59
CA SER B 419 -50.17 -14.48 11.49
C SER B 419 -50.26 -12.96 11.33
N ASP B 420 -49.25 -12.20 11.78
CA ASP B 420 -49.31 -10.71 11.65
C ASP B 420 -48.31 -10.21 10.63
N GLY B 421 -47.76 -11.11 9.78
CA GLY B 421 -47.07 -10.68 8.57
C GLY B 421 -45.54 -10.52 8.78
N THR B 422 -44.97 -11.21 9.73
CA THR B 422 -43.54 -11.14 10.09
C THR B 422 -42.83 -12.39 9.55
N VAL B 423 -41.68 -12.18 8.90
CA VAL B 423 -40.71 -13.25 8.57
C VAL B 423 -39.66 -13.30 9.68
N THR B 424 -39.44 -14.48 10.26
CA THR B 424 -38.43 -14.72 11.27
C THR B 424 -37.74 -16.05 10.96
N PHE B 425 -36.44 -16.05 10.76
CA PHE B 425 -35.72 -17.30 10.46
C PHE B 425 -34.29 -17.14 10.92
N ASN B 426 -33.62 -18.30 11.00
CA ASN B 426 -32.17 -18.32 11.27
C ASN B 426 -31.34 -18.54 10.01
N LEU B 427 -30.31 -17.71 9.87
CA LEU B 427 -29.33 -17.86 8.78
C LEU B 427 -28.66 -19.23 8.81
N LYS B 428 -28.15 -19.66 7.67
N LYS B 428 -28.18 -19.67 7.67
CA LYS B 428 -27.25 -20.84 7.56
CA LYS B 428 -27.25 -20.82 7.55
C LYS B 428 -25.92 -20.31 7.02
C LYS B 428 -25.92 -20.28 7.02
N ASP B 429 -24.87 -20.41 7.81
CA ASP B 429 -23.50 -20.01 7.42
C ASP B 429 -23.47 -18.56 6.91
N GLY B 430 -24.28 -17.66 7.48
CA GLY B 430 -24.28 -16.24 7.02
C GLY B 430 -24.70 -16.05 5.59
N LEU B 431 -25.33 -17.04 4.97
CA LEU B 431 -25.60 -16.95 3.55
C LEU B 431 -26.75 -16.03 3.20
N PRO B 432 -26.78 -15.48 1.97
CA PRO B 432 -27.98 -14.81 1.49
C PRO B 432 -29.09 -15.86 1.43
N ALA B 433 -30.34 -15.40 1.49
CA ALA B 433 -31.50 -16.30 1.34
C ALA B 433 -32.40 -15.71 0.25
N ILE B 434 -32.96 -16.58 -0.59
CA ILE B 434 -33.84 -16.14 -1.68
C ILE B 434 -35.08 -17.02 -1.58
N PHE B 435 -36.13 -16.47 -1.03
CA PHE B 435 -37.36 -17.21 -0.65
C PHE B 435 -38.40 -17.08 -1.77
N THR B 436 -39.05 -18.19 -2.13
CA THR B 436 -40.28 -18.18 -2.95
C THR B 436 -41.32 -19.07 -2.27
N SER B 437 -42.57 -18.91 -2.67
N SER B 437 -42.54 -18.99 -2.80
CA SER B 437 -43.70 -19.72 -2.17
CA SER B 437 -43.69 -19.83 -2.41
C SER B 437 -43.35 -21.20 -2.35
C SER B 437 -43.25 -21.29 -2.37
N ALA B 438 -43.63 -21.96 -1.30
CA ALA B 438 -43.41 -23.41 -1.13
C ALA B 438 -44.76 -24.14 -1.11
CA CA C . 1.77 3.79 -0.80
C1 NAG D . 4.94 26.68 8.18
C2 NAG D . 3.68 25.89 8.20
C3 NAG D . 2.63 26.55 7.29
C4 NAG D . 2.42 28.01 7.72
C5 NAG D . 3.76 28.75 7.78
C6 NAG D . 3.73 30.19 8.41
C7 NAG D . 3.78 23.44 8.45
C8 NAG D . 3.97 22.12 7.71
N2 NAG D . 3.93 24.51 7.68
O3 NAG D . 1.43 25.79 7.46
O4 NAG D . 1.59 28.64 6.74
O5 NAG D . 4.64 28.03 8.67
O6 NAG D . 2.87 30.07 9.55
O7 NAG D . 3.61 23.51 9.66
C1 GOL E . 4.11 1.93 9.43
O1 GOL E . 3.60 0.93 10.34
C2 GOL E . 4.54 3.11 10.25
O2 GOL E . 4.42 4.37 9.65
C3 GOL E . 5.93 2.93 10.78
O3 GOL E . 6.95 2.69 9.82
S SO4 F . 6.61 -3.22 5.81
O1 SO4 F . 7.40 -4.34 5.22
O2 SO4 F . 5.32 -3.13 5.22
O3 SO4 F . 6.50 -3.51 7.25
O4 SO4 F . 7.19 -1.94 5.54
C1 GOL G . 5.69 1.21 13.93
O1 GOL G . 6.83 2.04 13.64
C2 GOL G . 4.46 1.97 14.45
O2 GOL G . 3.90 2.83 13.45
C3 GOL G . 3.35 1.04 14.83
O3 GOL G . 3.48 0.69 16.20
C1 GOL H . 16.58 -8.98 18.57
O1 GOL H . 15.81 -9.32 19.72
C2 GOL H . 16.45 -10.08 17.50
O2 GOL H . 15.22 -9.95 16.78
C3 GOL H . 17.56 -10.04 16.47
O3 GOL H . 17.68 -11.26 15.75
CA CA I . -9.78 14.80 -22.12
C1 NAG J . -15.82 -0.19 -40.91
C2 NAG J . -14.41 0.36 -40.63
C3 NAG J . -13.96 1.34 -41.72
C4 NAG J . -14.08 0.61 -43.06
C5 NAG J . -15.49 0.03 -43.26
C6 NAG J . -15.65 -0.83 -44.58
C7 NAG J . -13.75 0.72 -38.30
C8 NAG J . -13.71 1.68 -37.12
N2 NAG J . -14.42 1.11 -39.36
O3 NAG J . -12.58 1.67 -41.42
O4 NAG J . -13.84 1.64 -44.02
O5 NAG J . -15.65 -0.90 -42.17
O6 NAG J . -14.55 -1.72 -44.57
O7 NAG J . -13.09 -0.29 -38.24
C1 NAG K . -32.29 -28.67 -1.28
C2 NAG K . -31.87 -30.00 -0.81
C3 NAG K . -31.71 -30.99 -1.99
C4 NAG K . -32.92 -31.01 -2.91
C5 NAG K . -33.38 -29.60 -3.23
C6 NAG K . -34.84 -29.73 -3.72
C7 NAG K . -30.71 -29.84 1.43
C8 NAG K . -29.38 -29.51 2.09
N2 NAG K . -30.69 -29.88 0.05
O3 NAG K . -31.59 -32.26 -1.38
O4 NAG K . -32.64 -31.73 -4.10
O5 NAG K . -33.52 -28.89 -2.03
O6 NAG K . -34.98 -28.63 -4.59
O7 NAG K . -31.71 -30.05 2.15
C1 GOL L . -8.72 3.32 -17.92
O1 GOL L . -10.07 3.75 -17.85
C2 GOL L . -7.79 4.50 -18.11
O2 GOL L . -6.60 4.61 -17.30
C3 GOL L . -7.29 4.24 -19.45
O3 GOL L . -8.40 4.26 -20.32
S SO4 M . -9.51 8.99 -13.11
O1 SO4 M . -10.45 8.75 -14.11
O2 SO4 M . -8.77 7.78 -12.78
O3 SO4 M . -8.62 9.93 -13.68
O4 SO4 M . -10.13 9.52 -11.82
C1 GOL N . -6.85 0.85 -16.32
O1 GOL N . -8.22 0.66 -16.74
C2 GOL N . -5.77 0.45 -17.33
O2 GOL N . -5.90 1.21 -18.53
C3 GOL N . -4.35 0.69 -16.85
O3 GOL N . -3.77 -0.51 -16.34
C1 GOL O . 3.55 -4.93 -26.67
O1 GOL O . 3.69 -5.43 -25.34
C2 GOL O . 3.58 -5.89 -27.84
O2 GOL O . 3.18 -7.22 -27.49
C3 GOL O . 2.78 -5.28 -28.98
O3 GOL O . 1.74 -6.08 -29.54
S SO4 P . 8.08 9.15 -34.64
O1 SO4 P . 6.70 9.33 -34.36
O2 SO4 P . 8.24 8.02 -35.56
O3 SO4 P . 8.82 8.88 -33.41
O4 SO4 P . 8.58 10.37 -35.25
C1 GOL Q . -11.76 -4.39 -2.34
O1 GOL Q . -10.58 -5.14 -2.03
C2 GOL Q . -11.75 -3.06 -1.64
O2 GOL Q . -10.84 -2.13 -2.28
C3 GOL Q . -13.12 -2.46 -1.58
O3 GOL Q . -13.27 -1.55 -0.49
#